data_7MMW
#
_entry.id   7MMW
#
_cell.length_a   45.375
_cell.length_b   52.876
_cell.length_c   74.534
_cell.angle_alpha   109.400
_cell.angle_beta   106.410
_cell.angle_gamma   91.470
#
_symmetry.space_group_name_H-M   'P 1'
#
loop_
_entity.id
_entity.type
_entity.pdbx_description
1 polymer 'Ribonucleoside-diphosphate reductase'
2 non-polymer 'CALCIUM ION'
3 water water
#
_entity_poly.entity_id   1
_entity_poly.type   'polypeptide(L)'
_entity_poly.pdbx_seq_one_letter_code
;SNILEMTKNYYDRSVSPVEYAYFDQSQNMRAINWNKIVDEKDLEVWNRVTQNFWLPENIPVSNDLPSWNELDDDWQQLIT
RTFTGLTLLDTVQSSIGDVAQIKNSLTEQEQVIYANFAFMVGVHARSYGTIFSTLCTSEQIEEAHEWVVDNEALQARPKA
LIPFYTADDPLKSKIAAALMPGFLLYGGFYLPFYLSARGKLPNTSDIIRLILRDKVIHNFYSGYKYQLKVAKLSPEKQAE
MKQFVFDLLDKMIGLEKTYLHQLYDGFGLADEAIRFSLYNAGKFLQNLGYESPFTKEETRIAPEVFAQLSARADENHDFF
SGSGSSYIIGTSEETLDEDWDF
;
_entity_poly.pdbx_strand_id   A,B
#
loop_
_chem_comp.id
_chem_comp.type
_chem_comp.name
_chem_comp.formula
CA non-polymer 'CALCIUM ION' 'Ca 2'
#
# COMPACT_ATOMS: atom_id res chain seq x y z
N SER A 1 39.81 25.91 5.96
CA SER A 1 38.89 26.55 6.93
C SER A 1 37.77 27.31 6.22
N ASN A 2 37.82 27.46 4.89
CA ASN A 2 36.88 28.31 4.12
C ASN A 2 35.50 27.63 4.00
N ILE A 3 35.43 26.30 4.10
CA ILE A 3 34.21 25.52 3.74
C ILE A 3 33.58 24.88 4.99
N LEU A 4 34.03 25.22 6.21
CA LEU A 4 33.46 24.64 7.45
C LEU A 4 31.99 25.03 7.58
N GLU A 5 31.13 24.05 7.85
CA GLU A 5 29.67 24.23 8.07
C GLU A 5 29.43 24.72 9.50
N MET A 6 28.52 25.68 9.69
CA MET A 6 28.08 26.15 11.02
C MET A 6 27.10 25.12 11.62
N THR A 7 26.33 24.43 10.77
CA THR A 7 25.46 23.29 11.14
C THR A 7 25.58 22.22 10.05
N LYS A 8 25.42 20.95 10.43
CA LYS A 8 25.46 19.79 9.50
C LYS A 8 24.03 19.44 9.09
N ASN A 9 23.80 19.29 7.78
CA ASN A 9 22.51 18.90 7.16
C ASN A 9 21.89 17.75 7.97
N TYR A 10 20.65 17.91 8.42
CA TYR A 10 19.91 16.89 9.21
C TYR A 10 19.82 15.58 8.42
N TYR A 11 19.69 15.68 7.09
CA TYR A 11 19.38 14.52 6.21
C TYR A 11 20.52 13.50 6.29
N ASP A 12 21.77 13.98 6.29
CA ASP A 12 22.99 13.13 6.20
C ASP A 12 23.39 12.58 7.58
N ARG A 13 22.69 12.98 8.66
CA ARG A 13 22.97 12.48 10.03
C ARG A 13 21.69 11.89 10.65
N SER A 14 20.79 11.40 9.80
CA SER A 14 19.55 10.68 10.21
C SER A 14 19.20 9.66 9.13
N VAL A 15 18.24 8.78 9.42
CA VAL A 15 17.78 7.71 8.48
C VAL A 15 16.26 7.75 8.40
N SER A 16 15.70 7.25 7.30
CA SER A 16 14.25 7.03 7.18
C SER A 16 13.86 5.96 8.20
N PRO A 17 12.61 6.01 8.75
CA PRO A 17 12.16 4.96 9.67
C PRO A 17 12.39 3.52 9.18
N VAL A 18 12.20 3.24 7.90
CA VAL A 18 12.29 1.85 7.39
C VAL A 18 13.76 1.38 7.49
N GLU A 19 14.71 2.29 7.28
N GLU A 19 14.72 2.28 7.30
CA GLU A 19 16.17 2.04 7.50
CA GLU A 19 16.17 2.00 7.50
C GLU A 19 16.39 1.70 8.97
C GLU A 19 16.42 1.71 8.98
N TYR A 20 15.84 2.51 9.88
CA TYR A 20 15.94 2.30 11.35
C TYR A 20 15.36 0.92 11.70
N ALA A 21 14.20 0.57 11.15
CA ALA A 21 13.42 -0.64 11.50
C ALA A 21 14.20 -1.91 11.10
N TYR A 22 14.81 -1.93 9.92
CA TYR A 22 15.27 -3.18 9.27
C TYR A 22 16.80 -3.28 9.20
N PHE A 23 17.55 -2.18 9.32
CA PHE A 23 19.00 -2.16 8.96
C PHE A 23 19.89 -1.55 10.05
N ASP A 24 19.53 -0.40 10.64
CA ASP A 24 20.46 0.40 11.49
C ASP A 24 19.68 1.16 12.57
N GLN A 25 19.78 0.71 13.83
CA GLN A 25 19.11 1.35 15.00
C GLN A 25 20.06 2.31 15.72
N SER A 26 21.12 2.80 15.05
CA SER A 26 22.21 3.61 15.64
C SER A 26 22.00 5.12 15.38
N GLN A 27 21.17 5.49 14.38
CA GLN A 27 20.87 6.91 14.07
C GLN A 27 19.42 7.22 14.46
N ASN A 28 19.09 8.51 14.55
CA ASN A 28 17.70 8.99 14.78
C ASN A 28 16.98 9.05 13.42
N MET A 29 15.64 9.09 13.46
CA MET A 29 14.80 9.03 12.25
C MET A 29 14.42 10.44 11.77
N ARG A 30 14.36 10.62 10.46
CA ARG A 30 13.86 11.85 9.82
C ARG A 30 12.46 11.58 9.26
N ALA A 31 11.56 12.56 9.41
CA ALA A 31 10.26 12.62 8.71
C ALA A 31 10.51 12.79 7.22
N ILE A 32 9.65 12.24 6.36
CA ILE A 32 9.76 12.45 4.89
C ILE A 32 9.74 13.96 4.63
N ASN A 33 10.58 14.41 3.70
CA ASN A 33 10.66 15.83 3.26
C ASN A 33 10.21 15.91 1.81
N TRP A 34 8.97 16.37 1.58
CA TRP A 34 8.40 16.60 0.22
C TRP A 34 8.78 17.99 -0.28
N ASN A 35 9.47 18.79 0.52
CA ASN A 35 9.82 20.20 0.18
C ASN A 35 11.22 20.25 -0.42
N LYS A 36 12.04 19.21 -0.21
CA LYS A 36 13.40 19.06 -0.78
C LYS A 36 13.53 17.65 -1.38
N ILE A 37 13.17 17.52 -2.66
CA ILE A 37 13.08 16.21 -3.38
C ILE A 37 14.46 15.85 -3.91
N VAL A 38 14.97 14.67 -3.56
CA VAL A 38 16.29 14.15 -4.01
C VAL A 38 16.21 13.82 -5.51
N ASP A 39 15.14 13.14 -5.95
CA ASP A 39 14.98 12.70 -7.35
C ASP A 39 13.63 13.19 -7.89
N GLU A 40 13.64 14.16 -8.81
CA GLU A 40 12.42 14.75 -9.42
C GLU A 40 11.58 13.66 -10.10
N LYS A 41 12.19 12.59 -10.58
CA LYS A 41 11.47 11.46 -11.23
C LYS A 41 10.45 10.88 -10.24
N ASP A 42 10.77 10.85 -8.95
CA ASP A 42 9.85 10.33 -7.90
C ASP A 42 8.58 11.19 -7.88
N LEU A 43 8.72 12.52 -7.91
CA LEU A 43 7.56 13.45 -7.85
C LEU A 43 6.70 13.26 -9.11
N GLU A 44 7.33 13.11 -10.27
N GLU A 44 7.32 13.12 -10.28
CA GLU A 44 6.63 12.89 -11.57
CA GLU A 44 6.64 12.89 -11.58
C GLU A 44 5.80 11.61 -11.48
C GLU A 44 5.81 11.61 -11.50
N VAL A 45 6.40 10.52 -11.00
CA VAL A 45 5.73 9.19 -10.89
C VAL A 45 4.60 9.28 -9.85
N TRP A 46 4.88 9.82 -8.66
CA TRP A 46 3.86 10.05 -7.61
C TRP A 46 2.66 10.80 -8.21
N ASN A 47 2.91 11.91 -8.90
CA ASN A 47 1.83 12.77 -9.44
C ASN A 47 1.04 11.96 -10.47
N ARG A 48 1.70 11.19 -11.33
CA ARG A 48 1.01 10.45 -12.41
C ARG A 48 0.13 9.34 -11.79
N VAL A 49 0.66 8.53 -10.89
CA VAL A 49 -0.09 7.34 -10.39
C VAL A 49 -1.25 7.79 -9.49
N THR A 50 -1.09 8.86 -8.71
CA THR A 50 -2.17 9.38 -7.84
C THR A 50 -3.26 10.05 -8.69
N GLN A 51 -2.88 10.81 -9.72
CA GLN A 51 -3.83 11.46 -10.66
C GLN A 51 -4.59 10.39 -11.47
N ASN A 52 -4.00 9.20 -11.64
CA ASN A 52 -4.58 8.08 -12.42
C ASN A 52 -5.44 7.17 -11.54
N PHE A 53 -5.70 7.54 -10.28
CA PHE A 53 -6.56 6.73 -9.38
C PHE A 53 -7.88 6.44 -10.09
N TRP A 54 -8.33 5.18 -10.00
CA TRP A 54 -9.62 4.71 -10.56
C TRP A 54 -10.14 3.54 -9.72
N LEU A 55 -11.43 3.27 -9.83
CA LEU A 55 -12.10 2.10 -9.21
C LEU A 55 -12.95 1.40 -10.26
N PRO A 56 -13.02 0.06 -10.23
CA PRO A 56 -13.74 -0.69 -11.27
C PRO A 56 -15.25 -0.43 -11.32
N GLU A 57 -15.84 0.08 -10.25
CA GLU A 57 -17.28 0.48 -10.19
C GLU A 57 -17.57 1.57 -11.23
N ASN A 58 -16.53 2.29 -11.68
CA ASN A 58 -16.65 3.44 -12.62
C ASN A 58 -17.01 2.95 -14.04
N ILE A 59 -16.72 1.70 -14.38
CA ILE A 59 -16.88 1.13 -15.76
C ILE A 59 -18.20 0.38 -15.85
N PRO A 60 -19.04 0.66 -16.88
CA PRO A 60 -20.31 -0.05 -17.05
C PRO A 60 -20.13 -1.44 -17.69
N VAL A 61 -19.63 -2.40 -16.90
N VAL A 61 -19.63 -2.39 -16.90
CA VAL A 61 -19.31 -3.79 -17.35
CA VAL A 61 -19.32 -3.79 -17.35
C VAL A 61 -20.61 -4.52 -17.76
C VAL A 61 -20.62 -4.49 -17.78
N SER A 62 -21.77 -4.08 -17.26
CA SER A 62 -23.09 -4.66 -17.60
C SER A 62 -23.35 -4.58 -19.12
N ASN A 63 -22.75 -3.59 -19.80
CA ASN A 63 -22.87 -3.39 -21.27
C ASN A 63 -22.09 -4.47 -22.04
N ASP A 64 -21.32 -5.32 -21.35
CA ASP A 64 -20.63 -6.49 -21.97
C ASP A 64 -21.56 -7.71 -21.97
N LEU A 65 -22.71 -7.67 -21.30
CA LEU A 65 -23.60 -8.85 -21.17
C LEU A 65 -24.02 -9.37 -22.55
N PRO A 66 -24.48 -8.51 -23.50
CA PRO A 66 -24.86 -9.00 -24.82
C PRO A 66 -23.76 -9.81 -25.51
N SER A 67 -22.51 -9.31 -25.52
CA SER A 67 -21.37 -9.96 -26.19
C SER A 67 -20.90 -11.17 -25.37
N TRP A 68 -20.95 -11.09 -24.03
CA TRP A 68 -20.67 -12.24 -23.14
C TRP A 68 -21.60 -13.40 -23.51
N ASN A 69 -22.89 -13.11 -23.75
CA ASN A 69 -23.94 -14.12 -24.03
C ASN A 69 -23.77 -14.66 -25.47
N GLU A 70 -22.89 -14.06 -26.28
CA GLU A 70 -22.53 -14.55 -27.64
C GLU A 70 -21.35 -15.52 -27.57
N LEU A 71 -20.78 -15.75 -26.38
CA LEU A 71 -19.66 -16.70 -26.15
C LEU A 71 -20.20 -17.98 -25.53
N ASP A 72 -19.74 -19.15 -25.99
CA ASP A 72 -20.18 -20.46 -25.43
C ASP A 72 -19.52 -20.66 -24.07
N ASP A 73 -19.93 -21.73 -23.37
CA ASP A 73 -19.49 -22.01 -21.98
C ASP A 73 -17.97 -22.19 -21.93
N ASP A 74 -17.37 -22.76 -22.98
CA ASP A 74 -15.91 -23.01 -23.03
C ASP A 74 -15.17 -21.67 -23.04
N TRP A 75 -15.61 -20.71 -23.86
CA TRP A 75 -15.03 -19.34 -23.90
C TRP A 75 -15.20 -18.68 -22.53
N GLN A 76 -16.40 -18.74 -21.95
CA GLN A 76 -16.69 -18.07 -20.65
C GLN A 76 -15.79 -18.68 -19.57
N GLN A 77 -15.60 -19.99 -19.59
CA GLN A 77 -14.70 -20.70 -18.64
C GLN A 77 -13.25 -20.23 -18.84
N LEU A 78 -12.80 -20.15 -20.08
CA LEU A 78 -11.42 -19.70 -20.41
C LEU A 78 -11.21 -18.30 -19.81
N ILE A 79 -12.16 -17.39 -20.01
CA ILE A 79 -12.04 -15.98 -19.54
C ILE A 79 -11.99 -15.97 -18.01
N THR A 80 -12.90 -16.70 -17.35
CA THR A 80 -12.98 -16.75 -15.87
C THR A 80 -11.68 -17.32 -15.31
N ARG A 81 -11.17 -18.41 -15.89
CA ARG A 81 -9.89 -19.05 -15.47
C ARG A 81 -8.73 -18.07 -15.68
N THR A 82 -8.62 -17.49 -16.87
CA THR A 82 -7.52 -16.55 -17.23
C THR A 82 -7.48 -15.44 -16.18
N PHE A 83 -8.62 -14.80 -15.95
CA PHE A 83 -8.72 -13.61 -15.05
C PHE A 83 -8.51 -14.01 -13.59
N THR A 84 -8.93 -15.22 -13.17
CA THR A 84 -8.66 -15.69 -11.77
C THR A 84 -7.16 -15.93 -11.63
N GLY A 85 -6.49 -16.45 -12.68
CA GLY A 85 -5.02 -16.56 -12.72
C GLY A 85 -4.36 -15.20 -12.58
N LEU A 86 -4.86 -14.18 -13.28
CA LEU A 86 -4.28 -12.81 -13.20
C LEU A 86 -4.56 -12.24 -11.81
N THR A 87 -5.73 -12.53 -11.23
CA THR A 87 -6.07 -12.14 -9.83
C THR A 87 -5.00 -12.69 -8.88
N LEU A 88 -4.59 -13.95 -9.06
CA LEU A 88 -3.56 -14.56 -8.17
C LEU A 88 -2.27 -13.74 -8.25
N LEU A 89 -1.81 -13.43 -9.47
CA LEU A 89 -0.54 -12.68 -9.66
C LEU A 89 -0.66 -11.30 -9.02
N ASP A 90 -1.81 -10.63 -9.14
CA ASP A 90 -2.02 -9.30 -8.52
C ASP A 90 -2.05 -9.43 -6.99
N THR A 91 -2.64 -10.50 -6.46
CA THR A 91 -2.67 -10.76 -5.00
C THR A 91 -1.24 -10.92 -4.49
N VAL A 92 -0.40 -11.68 -5.22
CA VAL A 92 1.04 -11.87 -4.88
C VAL A 92 1.71 -10.50 -4.84
N GLN A 93 1.51 -9.68 -5.86
CA GLN A 93 2.27 -8.40 -5.99
C GLN A 93 1.76 -7.37 -4.97
N SER A 94 0.45 -7.32 -4.73
CA SER A 94 -0.17 -6.36 -3.77
C SER A 94 0.27 -6.69 -2.34
N SER A 95 0.24 -7.96 -1.96
CA SER A 95 0.39 -8.40 -0.54
C SER A 95 1.85 -8.69 -0.18
N ILE A 96 2.71 -8.97 -1.16
CA ILE A 96 4.14 -9.35 -0.92
C ILE A 96 5.07 -8.44 -1.73
N GLY A 97 4.96 -8.44 -3.06
CA GLY A 97 6.01 -7.94 -3.98
C GLY A 97 6.27 -6.46 -3.81
N ASP A 98 5.26 -5.61 -3.99
CA ASP A 98 5.44 -4.14 -3.99
C ASP A 98 5.78 -3.67 -2.57
N VAL A 99 5.11 -4.25 -1.56
N VAL A 99 5.15 -4.23 -1.53
CA VAL A 99 5.34 -3.97 -0.11
CA VAL A 99 5.43 -3.79 -0.13
C VAL A 99 6.82 -4.20 0.21
C VAL A 99 6.84 -4.21 0.27
N ALA A 100 7.37 -5.32 -0.26
CA ALA A 100 8.76 -5.76 0.00
C ALA A 100 9.77 -4.75 -0.54
N GLN A 101 9.39 -3.94 -1.53
CA GLN A 101 10.30 -2.94 -2.15
C GLN A 101 10.50 -1.74 -1.20
N ILE A 102 9.54 -1.46 -0.31
CA ILE A 102 9.54 -0.19 0.46
C ILE A 102 10.86 -0.07 1.24
N LYS A 103 11.29 -1.10 1.95
CA LYS A 103 12.49 -1.03 2.83
C LYS A 103 13.78 -0.89 2.01
N ASN A 104 13.75 -1.21 0.72
CA ASN A 104 14.96 -1.18 -0.16
C ASN A 104 15.01 0.10 -0.99
N SER A 105 14.17 1.10 -0.65
CA SER A 105 14.03 2.36 -1.43
C SER A 105 15.36 3.14 -1.40
N LEU A 106 15.70 3.80 -2.51
CA LEU A 106 16.86 4.72 -2.61
C LEU A 106 16.49 6.10 -2.05
N THR A 107 15.21 6.48 -2.15
CA THR A 107 14.70 7.81 -1.70
C THR A 107 13.49 7.64 -0.79
N GLU A 108 13.15 8.70 -0.06
CA GLU A 108 11.97 8.75 0.84
C GLU A 108 10.69 8.61 0.01
N GLN A 109 10.55 9.34 -1.10
CA GLN A 109 9.29 9.36 -1.89
C GLN A 109 9.04 7.97 -2.49
N GLU A 110 10.09 7.25 -2.84
CA GLU A 110 10.00 5.88 -3.43
C GLU A 110 9.26 4.96 -2.45
N GLN A 111 9.46 5.14 -1.14
CA GLN A 111 8.78 4.33 -0.10
C GLN A 111 7.26 4.49 -0.23
N VAL A 112 6.81 5.71 -0.48
CA VAL A 112 5.35 6.04 -0.52
C VAL A 112 4.80 5.58 -1.87
N ILE A 113 5.60 5.71 -2.93
CA ILE A 113 5.19 5.28 -4.29
C ILE A 113 4.92 3.77 -4.28
N TYR A 114 5.78 2.97 -3.62
CA TYR A 114 5.58 1.50 -3.60
C TYR A 114 4.35 1.14 -2.74
N ALA A 115 4.02 1.94 -1.72
CA ALA A 115 2.75 1.81 -0.98
C ALA A 115 1.58 2.04 -1.94
N ASN A 116 1.64 3.08 -2.78
CA ASN A 116 0.63 3.31 -3.83
C ASN A 116 0.53 2.09 -4.76
N PHE A 117 1.66 1.57 -5.23
CA PHE A 117 1.70 0.43 -6.17
C PHE A 117 0.95 -0.75 -5.55
N ALA A 118 1.26 -1.07 -4.29
CA ALA A 118 0.66 -2.23 -3.58
C ALA A 118 -0.85 -2.06 -3.52
N PHE A 119 -1.32 -0.86 -3.17
CA PHE A 119 -2.76 -0.53 -3.11
C PHE A 119 -3.38 -0.69 -4.52
N MET A 120 -2.78 -0.07 -5.53
CA MET A 120 -3.38 -0.05 -6.89
C MET A 120 -3.37 -1.46 -7.49
N VAL A 121 -2.37 -2.30 -7.22
CA VAL A 121 -2.40 -3.71 -7.72
C VAL A 121 -3.52 -4.46 -6.99
N GLY A 122 -3.81 -4.11 -5.74
CA GLY A 122 -5.01 -4.57 -5.01
C GLY A 122 -6.28 -4.19 -5.76
N VAL A 123 -6.36 -2.95 -6.25
CA VAL A 123 -7.52 -2.47 -7.07
C VAL A 123 -7.60 -3.29 -8.36
N HIS A 124 -6.46 -3.59 -8.99
CA HIS A 124 -6.43 -4.44 -10.22
C HIS A 124 -7.07 -5.79 -9.91
N ALA A 125 -6.65 -6.45 -8.82
CA ALA A 125 -7.19 -7.77 -8.43
C ALA A 125 -8.70 -7.65 -8.19
N ARG A 126 -9.13 -6.56 -7.53
CA ARG A 126 -10.55 -6.32 -7.17
C ARG A 126 -11.39 -6.17 -8.44
N SER A 127 -10.81 -5.61 -9.51
N SER A 127 -10.81 -5.59 -9.49
CA SER A 127 -11.52 -5.29 -10.77
CA SER A 127 -11.49 -5.30 -10.78
C SER A 127 -11.97 -6.58 -11.47
C SER A 127 -11.98 -6.59 -11.45
N TYR A 128 -11.21 -7.67 -11.36
CA TYR A 128 -11.63 -8.99 -11.91
C TYR A 128 -12.89 -9.45 -11.18
N GLY A 129 -12.94 -9.25 -9.86
CA GLY A 129 -14.12 -9.54 -9.03
C GLY A 129 -15.34 -8.79 -9.53
N THR A 130 -15.17 -7.50 -9.87
CA THR A 130 -16.25 -6.63 -10.41
C THR A 130 -16.78 -7.23 -11.71
N ILE A 131 -15.87 -7.64 -12.60
CA ILE A 131 -16.24 -8.26 -13.91
C ILE A 131 -17.04 -9.54 -13.64
N PHE A 132 -16.53 -10.40 -12.76
CA PHE A 132 -17.17 -11.70 -12.43
C PHE A 132 -18.56 -11.48 -11.84
N SER A 133 -18.72 -10.47 -10.98
N SER A 133 -18.71 -10.49 -10.96
CA SER A 133 -20.00 -10.15 -10.31
CA SER A 133 -19.98 -10.11 -10.30
C SER A 133 -21.08 -9.78 -11.33
C SER A 133 -21.05 -9.84 -11.36
N THR A 134 -20.68 -9.20 -12.47
CA THR A 134 -21.61 -8.76 -13.54
C THR A 134 -21.87 -9.91 -14.53
N LEU A 135 -20.85 -10.66 -14.92
CA LEU A 135 -20.93 -11.59 -16.09
C LEU A 135 -21.10 -13.05 -15.65
N CYS A 136 -20.44 -13.48 -14.59
CA CYS A 136 -20.23 -14.93 -14.27
C CYS A 136 -21.30 -15.46 -13.32
N THR A 137 -21.61 -16.75 -13.42
CA THR A 137 -22.39 -17.49 -12.41
C THR A 137 -21.48 -17.81 -11.22
N SER A 138 -22.07 -18.08 -10.05
N SER A 138 -22.07 -18.09 -10.06
CA SER A 138 -21.37 -18.55 -8.84
CA SER A 138 -21.35 -18.54 -8.84
C SER A 138 -20.54 -19.80 -9.17
C SER A 138 -20.54 -19.81 -9.16
N GLU A 139 -21.10 -20.69 -9.98
CA GLU A 139 -20.45 -21.97 -10.39
C GLU A 139 -19.18 -21.66 -11.19
N GLN A 140 -19.25 -20.75 -12.16
CA GLN A 140 -18.09 -20.36 -13.01
C GLN A 140 -16.99 -19.79 -12.12
N ILE A 141 -17.34 -18.94 -11.16
CA ILE A 141 -16.38 -18.26 -10.25
C ILE A 141 -15.67 -19.31 -9.40
N GLU A 142 -16.43 -20.20 -8.77
N GLU A 142 -16.42 -20.22 -8.77
CA GLU A 142 -15.92 -21.27 -7.88
CA GLU A 142 -15.86 -21.25 -7.87
C GLU A 142 -15.01 -22.22 -8.67
C GLU A 142 -15.00 -22.22 -8.68
N GLU A 143 -15.43 -22.61 -9.88
CA GLU A 143 -14.68 -23.56 -10.75
C GLU A 143 -13.31 -22.96 -11.05
N ALA A 144 -13.26 -21.66 -11.32
CA ALA A 144 -12.02 -20.95 -11.72
C ALA A 144 -11.05 -20.90 -10.53
N HIS A 145 -11.56 -20.69 -9.32
CA HIS A 145 -10.72 -20.70 -8.09
C HIS A 145 -10.13 -22.11 -7.89
N GLU A 146 -10.96 -23.15 -8.03
CA GLU A 146 -10.53 -24.57 -7.93
C GLU A 146 -9.42 -24.82 -8.96
N TRP A 147 -9.66 -24.41 -10.20
CA TRP A 147 -8.72 -24.63 -11.33
C TRP A 147 -7.39 -23.94 -11.03
N VAL A 148 -7.40 -22.73 -10.49
CA VAL A 148 -6.17 -21.95 -10.21
C VAL A 148 -5.37 -22.65 -9.10
N VAL A 149 -6.02 -23.08 -8.03
CA VAL A 149 -5.34 -23.78 -6.89
C VAL A 149 -4.69 -25.07 -7.40
N ASP A 150 -5.33 -25.77 -8.33
CA ASP A 150 -4.94 -27.15 -8.74
C ASP A 150 -4.06 -27.13 -10.00
N ASN A 151 -3.76 -25.96 -10.57
CA ASN A 151 -2.95 -25.83 -11.80
C ASN A 151 -1.48 -25.65 -11.42
N GLU A 152 -0.68 -26.72 -11.48
CA GLU A 152 0.75 -26.70 -11.06
C GLU A 152 1.53 -25.75 -11.97
N ALA A 153 1.24 -25.73 -13.27
CA ALA A 153 1.95 -24.85 -14.23
C ALA A 153 1.68 -23.39 -13.90
N LEU A 154 0.43 -23.04 -13.54
CA LEU A 154 0.06 -21.67 -13.11
C LEU A 154 0.83 -21.32 -11.84
N GLN A 155 0.76 -22.19 -10.84
CA GLN A 155 1.35 -21.98 -9.48
C GLN A 155 2.87 -21.80 -9.58
N ALA A 156 3.53 -22.49 -10.52
CA ALA A 156 5.00 -22.51 -10.66
C ALA A 156 5.54 -21.08 -10.82
N ARG A 157 4.78 -20.20 -11.46
CA ARG A 157 5.23 -18.83 -11.84
C ARG A 157 5.37 -17.97 -10.58
N PRO A 158 4.32 -17.71 -9.76
CA PRO A 158 4.50 -16.93 -8.53
C PRO A 158 5.46 -17.63 -7.54
N LYS A 159 5.46 -18.96 -7.50
CA LYS A 159 6.36 -19.74 -6.60
C LYS A 159 7.83 -19.46 -6.94
N ALA A 160 8.13 -19.15 -8.20
CA ALA A 160 9.51 -18.85 -8.66
C ALA A 160 9.94 -17.44 -8.24
N LEU A 161 9.01 -16.50 -8.09
CA LEU A 161 9.30 -15.07 -7.82
C LEU A 161 9.31 -14.79 -6.30
N ILE A 162 8.40 -15.42 -5.56
CA ILE A 162 8.16 -15.08 -4.13
C ILE A 162 9.46 -15.19 -3.32
N PRO A 163 10.33 -16.23 -3.52
CA PRO A 163 11.56 -16.34 -2.74
C PRO A 163 12.46 -15.09 -2.83
N PHE A 164 12.44 -14.37 -3.96
CA PHE A 164 13.27 -13.16 -4.14
C PHE A 164 12.71 -12.03 -3.27
N TYR A 165 11.39 -11.98 -3.09
CA TYR A 165 10.72 -10.95 -2.25
C TYR A 165 11.07 -11.15 -0.77
N THR A 166 11.17 -12.41 -0.32
CA THR A 166 11.32 -12.75 1.12
C THR A 166 12.80 -12.83 1.51
N ALA A 167 13.71 -12.87 0.52
CA ALA A 167 15.17 -12.96 0.73
C ALA A 167 15.77 -11.56 0.90
N ASP A 168 17.07 -11.46 1.18
CA ASP A 168 17.75 -10.22 1.62
C ASP A 168 18.56 -9.59 0.48
N ASP A 169 18.46 -10.08 -0.75
CA ASP A 169 19.13 -9.48 -1.93
C ASP A 169 18.19 -8.45 -2.56
N PRO A 170 18.42 -7.13 -2.35
CA PRO A 170 17.47 -6.11 -2.80
C PRO A 170 17.36 -6.01 -4.33
N LEU A 171 18.43 -6.32 -5.06
CA LEU A 171 18.44 -6.21 -6.54
C LEU A 171 17.60 -7.35 -7.13
N LYS A 172 17.75 -8.57 -6.64
CA LYS A 172 16.96 -9.73 -7.10
C LYS A 172 15.48 -9.48 -6.80
N SER A 173 15.17 -8.95 -5.62
CA SER A 173 13.78 -8.56 -5.23
C SER A 173 13.24 -7.53 -6.22
N LYS A 174 14.04 -6.53 -6.58
CA LYS A 174 13.64 -5.43 -7.50
C LYS A 174 13.37 -6.00 -8.91
N ILE A 175 14.22 -6.92 -9.37
CA ILE A 175 14.07 -7.57 -10.71
C ILE A 175 12.73 -8.32 -10.72
N ALA A 176 12.44 -9.10 -9.68
CA ALA A 176 11.15 -9.82 -9.53
C ALA A 176 9.99 -8.79 -9.57
N ALA A 177 10.13 -7.66 -8.88
CA ALA A 177 9.10 -6.59 -8.80
C ALA A 177 8.86 -5.93 -10.16
N ALA A 178 9.87 -5.92 -11.04
CA ALA A 178 9.74 -5.37 -12.41
C ALA A 178 9.11 -6.43 -13.34
N LEU A 179 9.49 -7.70 -13.15
CA LEU A 179 9.10 -8.82 -14.04
C LEU A 179 7.58 -9.03 -13.96
N MET A 180 6.98 -8.85 -12.79
CA MET A 180 5.54 -9.08 -12.57
C MET A 180 4.71 -8.13 -13.45
N PRO A 181 4.74 -6.79 -13.26
CA PRO A 181 3.99 -5.89 -14.14
C PRO A 181 4.55 -5.80 -15.57
N GLY A 182 5.84 -6.12 -15.74
CA GLY A 182 6.54 -5.97 -17.04
C GLY A 182 6.28 -7.12 -17.99
N PHE A 183 5.95 -8.31 -17.49
CA PHE A 183 5.96 -9.54 -18.31
C PHE A 183 4.80 -10.50 -17.99
N LEU A 184 4.64 -10.87 -16.72
CA LEU A 184 4.00 -12.17 -16.36
C LEU A 184 2.49 -12.20 -16.65
N LEU A 185 1.83 -11.05 -16.76
CA LEU A 185 0.35 -11.00 -16.95
C LEU A 185 -0.02 -10.83 -18.43
N TYR A 186 0.93 -10.51 -19.31
CA TYR A 186 0.60 -10.16 -20.72
C TYR A 186 0.01 -11.36 -21.47
N GLY A 187 0.46 -12.57 -21.18
CA GLY A 187 -0.11 -13.80 -21.79
C GLY A 187 -1.61 -13.91 -21.55
N GLY A 188 -2.08 -13.40 -20.41
CA GLY A 188 -3.52 -13.36 -20.05
C GLY A 188 -4.22 -12.16 -20.64
N PHE A 189 -3.57 -10.99 -20.64
CA PHE A 189 -4.13 -9.74 -21.21
C PHE A 189 -4.39 -9.92 -22.71
N TYR A 190 -3.65 -10.80 -23.37
CA TYR A 190 -3.86 -11.12 -24.81
C TYR A 190 -5.34 -11.44 -25.05
N LEU A 191 -5.94 -12.23 -24.17
CA LEU A 191 -7.30 -12.82 -24.39
C LEU A 191 -8.36 -11.73 -24.54
N PRO A 192 -8.55 -10.80 -23.57
CA PRO A 192 -9.54 -9.74 -23.75
C PRO A 192 -9.30 -8.88 -24.99
N PHE A 193 -8.04 -8.59 -25.33
CA PHE A 193 -7.68 -7.75 -26.49
C PHE A 193 -8.00 -8.51 -27.78
N TYR A 194 -7.71 -9.81 -27.83
CA TYR A 194 -8.09 -10.69 -28.97
C TYR A 194 -9.60 -10.60 -29.18
N LEU A 195 -10.37 -10.73 -28.09
CA LEU A 195 -11.86 -10.78 -28.18
C LEU A 195 -12.41 -9.41 -28.57
N SER A 196 -11.91 -8.33 -28.00
N SER A 196 -11.90 -8.33 -27.99
CA SER A 196 -12.38 -6.94 -28.27
CA SER A 196 -12.37 -6.95 -28.27
C SER A 196 -12.05 -6.56 -29.72
C SER A 196 -12.05 -6.57 -29.72
N ALA A 197 -10.92 -7.04 -30.26
CA ALA A 197 -10.53 -6.85 -31.68
C ALA A 197 -11.61 -7.47 -32.59
N ARG A 198 -12.29 -8.52 -32.13
CA ARG A 198 -13.37 -9.22 -32.89
C ARG A 198 -14.76 -8.74 -32.45
N GLY A 199 -14.83 -7.70 -31.60
CA GLY A 199 -16.07 -6.98 -31.24
C GLY A 199 -16.69 -7.43 -29.92
N LYS A 200 -16.00 -8.24 -29.12
CA LYS A 200 -16.58 -8.85 -27.90
C LYS A 200 -15.95 -8.23 -26.63
N LEU A 201 -16.78 -7.99 -25.60
CA LEU A 201 -16.36 -7.55 -24.25
C LEU A 201 -15.56 -6.24 -24.31
N PRO A 202 -16.09 -5.18 -24.96
CA PRO A 202 -15.35 -3.92 -25.07
C PRO A 202 -15.10 -3.25 -23.70
N ASN A 203 -16.05 -3.35 -22.77
CA ASN A 203 -15.97 -2.67 -21.44
C ASN A 203 -14.90 -3.37 -20.59
N THR A 204 -14.77 -4.69 -20.71
CA THR A 204 -13.72 -5.49 -20.03
C THR A 204 -12.34 -4.97 -20.48
N SER A 205 -12.15 -4.75 -21.77
N SER A 205 -12.15 -4.75 -21.78
CA SER A 205 -10.86 -4.27 -22.34
CA SER A 205 -10.87 -4.27 -22.36
C SER A 205 -10.55 -2.86 -21.84
C SER A 205 -10.55 -2.85 -21.86
N ASP A 206 -11.58 -2.06 -21.54
CA ASP A 206 -11.41 -0.71 -20.92
C ASP A 206 -10.79 -0.86 -19.53
N ILE A 207 -11.24 -1.86 -18.75
CA ILE A 207 -10.67 -2.15 -17.41
C ILE A 207 -9.21 -2.62 -17.59
N ILE A 208 -8.94 -3.50 -18.56
CA ILE A 208 -7.55 -3.99 -18.80
C ILE A 208 -6.66 -2.77 -19.11
N ARG A 209 -7.17 -1.80 -19.89
CA ARG A 209 -6.36 -0.62 -20.26
C ARG A 209 -6.10 0.27 -19.03
N LEU A 210 -7.03 0.35 -18.09
CA LEU A 210 -6.82 1.11 -16.82
C LEU A 210 -5.76 0.39 -15.97
N ILE A 211 -5.82 -0.93 -15.93
CA ILE A 211 -4.80 -1.76 -15.22
C ILE A 211 -3.42 -1.50 -15.86
N LEU A 212 -3.34 -1.58 -17.19
CA LEU A 212 -2.06 -1.44 -17.93
C LEU A 212 -1.51 -0.02 -17.77
N ARG A 213 -2.37 1.00 -17.69
CA ARG A 213 -1.91 2.40 -17.47
C ARG A 213 -1.09 2.46 -16.18
N ASP A 214 -1.44 1.64 -15.19
CA ASP A 214 -0.66 1.52 -13.92
C ASP A 214 0.56 0.61 -14.14
N LYS A 215 0.37 -0.59 -14.70
CA LYS A 215 1.44 -1.62 -14.80
C LYS A 215 2.65 -1.08 -15.56
N VAL A 216 2.45 -0.30 -16.63
CA VAL A 216 3.58 0.19 -17.47
C VAL A 216 4.45 1.11 -16.63
N ILE A 217 3.84 1.90 -15.73
CA ILE A 217 4.60 2.81 -14.81
C ILE A 217 5.30 1.96 -13.74
N HIS A 218 4.65 0.94 -13.18
CA HIS A 218 5.26 0.07 -12.15
C HIS A 218 6.53 -0.57 -12.72
N ASN A 219 6.43 -1.09 -13.95
CA ASN A 219 7.52 -1.75 -14.71
C ASN A 219 8.65 -0.72 -14.93
N PHE A 220 8.30 0.44 -15.50
CA PHE A 220 9.28 1.53 -15.76
C PHE A 220 10.02 1.89 -14.47
N TYR A 221 9.27 2.08 -13.39
CA TYR A 221 9.81 2.66 -12.13
C TYR A 221 10.77 1.66 -11.47
N SER A 222 10.36 0.39 -11.36
CA SER A 222 11.22 -0.66 -10.75
C SER A 222 12.49 -0.82 -11.60
N GLY A 223 12.37 -0.78 -12.93
CA GLY A 223 13.52 -0.85 -13.85
C GLY A 223 14.46 0.31 -13.65
N TYR A 224 13.91 1.51 -13.49
CA TYR A 224 14.65 2.77 -13.24
C TYR A 224 15.48 2.65 -11.96
N LYS A 225 14.84 2.20 -10.87
CA LYS A 225 15.51 2.06 -9.55
C LYS A 225 16.55 0.93 -9.61
N TYR A 226 16.24 -0.17 -10.31
CA TYR A 226 17.21 -1.28 -10.53
C TYR A 226 18.49 -0.70 -11.16
N GLN A 227 18.34 0.10 -12.21
CA GLN A 227 19.48 0.65 -12.99
C GLN A 227 20.35 1.53 -12.08
N LEU A 228 19.74 2.37 -11.24
CA LEU A 228 20.49 3.27 -10.33
C LEU A 228 21.31 2.42 -9.34
N LYS A 229 20.73 1.35 -8.80
CA LYS A 229 21.38 0.55 -7.73
C LYS A 229 22.48 -0.34 -8.35
N VAL A 230 22.21 -0.99 -9.48
CA VAL A 230 23.17 -1.96 -10.09
C VAL A 230 24.41 -1.20 -10.60
N ALA A 231 24.26 0.06 -10.98
CA ALA A 231 25.35 0.91 -11.54
C ALA A 231 26.45 1.14 -10.49
N LYS A 232 26.15 1.00 -9.19
CA LYS A 232 27.10 1.24 -8.08
C LYS A 232 27.98 0.02 -7.83
N LEU A 233 27.67 -1.13 -8.44
CA LEU A 233 28.40 -2.41 -8.22
C LEU A 233 29.66 -2.44 -9.09
N SER A 234 30.61 -3.30 -8.75
CA SER A 234 31.84 -3.56 -9.54
C SER A 234 31.43 -4.09 -10.92
N PRO A 235 32.28 -3.93 -11.96
CA PRO A 235 32.00 -4.51 -13.27
C PRO A 235 31.63 -6.00 -13.21
N GLU A 236 32.34 -6.78 -12.38
CA GLU A 236 32.13 -8.25 -12.25
C GLU A 236 30.73 -8.52 -11.67
N LYS A 237 30.34 -7.77 -10.64
CA LYS A 237 29.02 -7.91 -9.95
C LYS A 237 27.89 -7.48 -10.90
N GLN A 238 28.14 -6.45 -11.74
CA GLN A 238 27.15 -5.98 -12.75
C GLN A 238 26.91 -7.08 -13.79
N ALA A 239 27.96 -7.77 -14.23
CA ALA A 239 27.89 -8.90 -15.19
C ALA A 239 27.11 -10.07 -14.55
N GLU A 240 27.37 -10.36 -13.28
CA GLU A 240 26.70 -11.43 -12.50
C GLU A 240 25.18 -11.14 -12.45
N MET A 241 24.81 -9.89 -12.15
N MET A 241 24.82 -9.89 -12.13
CA MET A 241 23.39 -9.48 -12.00
CA MET A 241 23.40 -9.44 -12.00
C MET A 241 22.70 -9.48 -13.38
C MET A 241 22.71 -9.50 -13.37
N LYS A 242 23.41 -9.10 -14.44
CA LYS A 242 22.86 -9.18 -15.82
C LYS A 242 22.58 -10.66 -16.16
N GLN A 243 23.51 -11.55 -15.84
CA GLN A 243 23.35 -13.02 -16.05
C GLN A 243 22.12 -13.52 -15.27
N PHE A 244 21.94 -13.06 -14.03
CA PHE A 244 20.78 -13.43 -13.18
C PHE A 244 19.48 -12.97 -13.85
N VAL A 245 19.43 -11.73 -14.35
CA VAL A 245 18.22 -11.17 -15.00
C VAL A 245 17.84 -12.07 -16.18
N PHE A 246 18.79 -12.38 -17.07
CA PHE A 246 18.53 -13.18 -18.29
C PHE A 246 18.18 -14.62 -17.90
N ASP A 247 18.86 -15.19 -16.89
CA ASP A 247 18.59 -16.56 -16.39
C ASP A 247 17.16 -16.62 -15.81
N LEU A 248 16.77 -15.64 -15.00
CA LEU A 248 15.43 -15.63 -14.36
C LEU A 248 14.36 -15.44 -15.44
N LEU A 249 14.56 -14.50 -16.37
CA LEU A 249 13.58 -14.27 -17.46
C LEU A 249 13.47 -15.53 -18.32
N ASP A 250 14.58 -16.21 -18.58
CA ASP A 250 14.62 -17.48 -19.35
C ASP A 250 13.70 -18.50 -18.68
N LYS A 251 13.90 -18.71 -17.37
CA LYS A 251 13.08 -19.63 -16.55
C LYS A 251 11.61 -19.21 -16.61
N MET A 252 11.32 -17.92 -16.38
CA MET A 252 9.91 -17.44 -16.30
C MET A 252 9.23 -17.58 -17.68
N ILE A 253 9.95 -17.35 -18.78
CA ILE A 253 9.40 -17.55 -20.16
C ILE A 253 9.05 -19.04 -20.33
N GLY A 254 9.93 -19.94 -19.88
CA GLY A 254 9.65 -21.39 -19.96
C GLY A 254 8.39 -21.74 -19.21
N LEU A 255 8.25 -21.22 -17.99
CA LEU A 255 7.08 -21.52 -17.12
C LEU A 255 5.82 -20.91 -17.75
N GLU A 256 5.91 -19.69 -18.28
CA GLU A 256 4.77 -18.98 -18.91
C GLU A 256 4.30 -19.77 -20.14
N LYS A 257 5.22 -20.21 -21.00
CA LYS A 257 4.87 -20.97 -22.23
C LYS A 257 4.14 -22.26 -21.85
N THR A 258 4.63 -22.99 -20.85
CA THR A 258 4.01 -24.24 -20.36
C THR A 258 2.58 -23.94 -19.90
N TYR A 259 2.42 -22.90 -19.07
CA TYR A 259 1.10 -22.50 -18.53
C TYR A 259 0.15 -22.08 -19.67
N LEU A 260 0.60 -21.23 -20.59
CA LEU A 260 -0.29 -20.66 -21.63
C LEU A 260 -0.76 -21.78 -22.57
N HIS A 261 0.08 -22.78 -22.84
CA HIS A 261 -0.32 -23.95 -23.68
C HIS A 261 -1.45 -24.72 -22.99
N GLN A 262 -1.41 -24.86 -21.66
CA GLN A 262 -2.48 -25.53 -20.88
C GLN A 262 -3.74 -24.64 -20.87
N LEU A 263 -3.60 -23.36 -20.52
CA LEU A 263 -4.72 -22.38 -20.41
C LEU A 263 -5.51 -22.34 -21.72
N TYR A 264 -4.81 -22.21 -22.86
CA TYR A 264 -5.43 -21.98 -24.19
C TYR A 264 -5.63 -23.30 -24.93
N ASP A 265 -5.46 -24.44 -24.25
CA ASP A 265 -5.62 -25.78 -24.88
C ASP A 265 -7.03 -25.87 -25.49
N GLY A 266 -7.12 -26.21 -26.77
CA GLY A 266 -8.38 -26.37 -27.50
C GLY A 266 -8.79 -25.11 -28.23
N PHE A 267 -8.10 -23.98 -27.99
CA PHE A 267 -8.38 -22.66 -28.62
C PHE A 267 -7.31 -22.31 -29.65
N GLY A 268 -6.13 -22.95 -29.60
CA GLY A 268 -5.02 -22.68 -30.53
C GLY A 268 -4.44 -21.27 -30.39
N LEU A 269 -4.67 -20.58 -29.27
CA LEU A 269 -4.26 -19.16 -29.06
C LEU A 269 -2.91 -19.06 -28.34
N ALA A 270 -2.34 -20.17 -27.87
CA ALA A 270 -1.09 -20.17 -27.06
C ALA A 270 0.04 -19.47 -27.83
N ASP A 271 0.24 -19.80 -29.11
CA ASP A 271 1.37 -19.24 -29.90
C ASP A 271 1.21 -17.72 -30.03
N GLU A 272 0.00 -17.23 -30.29
CA GLU A 272 -0.28 -15.77 -30.41
C GLU A 272 -0.03 -15.09 -29.05
N ALA A 273 -0.53 -15.70 -27.97
CA ALA A 273 -0.39 -15.18 -26.60
C ALA A 273 1.10 -15.11 -26.23
N ILE A 274 1.88 -16.12 -26.62
CA ILE A 274 3.33 -16.21 -26.28
C ILE A 274 4.10 -15.12 -27.05
N ARG A 275 3.77 -14.87 -28.32
CA ARG A 275 4.42 -13.78 -29.10
C ARG A 275 4.12 -12.44 -28.42
N PHE A 276 2.87 -12.24 -27.99
CA PHE A 276 2.41 -11.01 -27.28
C PHE A 276 3.20 -10.88 -25.97
N SER A 277 3.38 -12.00 -25.26
CA SER A 277 4.17 -12.10 -24.00
C SER A 277 5.62 -11.67 -24.26
N LEU A 278 6.24 -12.18 -25.33
CA LEU A 278 7.69 -11.96 -25.61
C LEU A 278 7.92 -10.52 -26.07
N TYR A 279 6.97 -9.92 -26.81
CA TYR A 279 7.04 -8.48 -27.14
C TYR A 279 7.25 -7.69 -25.84
N ASN A 280 6.47 -8.05 -24.81
CA ASN A 280 6.49 -7.34 -23.50
C ASN A 280 7.74 -7.74 -22.71
N ALA A 281 8.22 -8.98 -22.84
CA ALA A 281 9.51 -9.43 -22.25
C ALA A 281 10.64 -8.53 -22.77
N GLY A 282 10.61 -8.17 -24.05
CA GLY A 282 11.59 -7.24 -24.66
C GLY A 282 11.57 -5.87 -24.00
N LYS A 283 10.38 -5.31 -23.78
CA LYS A 283 10.21 -3.97 -23.15
C LYS A 283 10.65 -4.04 -21.69
N PHE A 284 10.40 -5.17 -21.01
CA PHE A 284 10.87 -5.41 -19.62
C PHE A 284 12.40 -5.28 -19.59
N LEU A 285 13.09 -5.97 -20.49
CA LEU A 285 14.58 -5.93 -20.53
C LEU A 285 15.04 -4.49 -20.81
N GLN A 286 14.36 -3.79 -21.72
CA GLN A 286 14.72 -2.40 -22.11
C GLN A 286 14.58 -1.46 -20.89
N ASN A 287 13.56 -1.70 -20.05
CA ASN A 287 13.30 -0.87 -18.84
C ASN A 287 14.35 -1.16 -17.75
N LEU A 288 15.08 -2.28 -17.84
CA LEU A 288 16.20 -2.60 -16.91
C LEU A 288 17.54 -2.16 -17.52
N GLY A 289 17.53 -1.59 -18.72
CA GLY A 289 18.72 -1.01 -19.39
C GLY A 289 19.44 -2.02 -20.29
N TYR A 290 18.80 -3.16 -20.58
CA TYR A 290 19.38 -4.24 -21.43
C TYR A 290 18.70 -4.25 -22.80
N GLU A 291 19.27 -4.99 -23.75
CA GLU A 291 18.74 -5.11 -25.13
C GLU A 291 17.85 -6.35 -25.21
N SER A 292 16.76 -6.26 -25.98
CA SER A 292 15.87 -7.41 -26.28
C SER A 292 16.58 -8.35 -27.24
N PRO A 293 16.67 -9.66 -26.89
CA PRO A 293 17.21 -10.68 -27.79
C PRO A 293 16.16 -11.33 -28.72
N PHE A 294 14.91 -10.89 -28.64
CA PHE A 294 13.78 -11.58 -29.32
C PHE A 294 13.72 -11.15 -30.78
N THR A 295 13.47 -12.12 -31.66
CA THR A 295 13.36 -11.92 -33.13
C THR A 295 12.01 -11.24 -33.43
N LYS A 296 11.89 -10.62 -34.60
CA LYS A 296 10.62 -10.02 -35.09
C LYS A 296 9.56 -11.12 -35.19
N GLU A 297 9.93 -12.31 -35.65
CA GLU A 297 9.00 -13.46 -35.83
C GLU A 297 8.41 -13.86 -34.48
N GLU A 298 9.25 -13.88 -33.43
CA GLU A 298 8.91 -14.33 -32.06
C GLU A 298 7.95 -13.37 -31.35
N THR A 299 7.90 -12.10 -31.75
CA THR A 299 7.19 -11.03 -30.99
C THR A 299 6.07 -10.41 -31.83
N ARG A 300 5.72 -11.03 -32.96
CA ARG A 300 4.72 -10.48 -33.92
C ARG A 300 3.35 -10.39 -33.24
N ILE A 301 2.76 -9.20 -33.21
CA ILE A 301 1.38 -8.95 -32.70
C ILE A 301 0.53 -8.43 -33.86
N ALA A 302 -0.66 -9.00 -34.05
CA ALA A 302 -1.65 -8.54 -35.06
C ALA A 302 -1.97 -7.08 -34.79
N PRO A 303 -1.93 -6.18 -35.80
CA PRO A 303 -2.26 -4.77 -35.61
C PRO A 303 -3.56 -4.50 -34.85
N GLU A 304 -4.59 -5.33 -35.06
N GLU A 304 -4.58 -5.34 -35.07
CA GLU A 304 -5.92 -5.16 -34.42
CA GLU A 304 -5.92 -5.25 -34.45
C GLU A 304 -5.81 -5.45 -32.91
C GLU A 304 -5.78 -5.43 -32.93
N VAL A 305 -4.92 -6.36 -32.50
CA VAL A 305 -4.65 -6.62 -31.06
C VAL A 305 -3.77 -5.49 -30.52
N PHE A 306 -2.77 -5.04 -31.28
CA PHE A 306 -1.85 -3.95 -30.86
C PHE A 306 -2.64 -2.66 -30.65
N ALA A 307 -3.67 -2.42 -31.46
CA ALA A 307 -4.57 -1.25 -31.36
C ALA A 307 -5.31 -1.27 -30.00
N GLN A 308 -5.77 -2.44 -29.56
CA GLN A 308 -6.43 -2.62 -28.24
C GLN A 308 -5.41 -2.33 -27.13
N LEU A 309 -4.19 -2.88 -27.25
CA LEU A 309 -3.11 -2.75 -26.25
C LEU A 309 -2.71 -1.29 -26.07
N SER A 310 -2.64 -0.51 -27.16
CA SER A 310 -2.01 0.84 -27.21
C SER A 310 -3.06 1.96 -27.06
N ALA A 311 -4.35 1.66 -27.22
CA ALA A 311 -5.46 2.63 -27.05
C ALA A 311 -5.35 3.25 -25.65
N ARG A 312 -5.46 4.57 -25.56
CA ARG A 312 -5.32 5.32 -24.27
C ARG A 312 -6.55 5.03 -23.40
N ALA A 313 -6.35 4.90 -22.09
CA ALA A 313 -7.42 4.64 -21.09
C ALA A 313 -8.45 5.77 -21.15
N ASP A 314 -9.74 5.44 -21.00
CA ASP A 314 -10.86 6.40 -21.07
C ASP A 314 -10.89 7.22 -19.77
N GLU A 315 -10.70 8.54 -19.88
CA GLU A 315 -10.58 9.47 -18.71
C GLU A 315 -11.92 9.58 -17.98
N ASN A 316 -13.05 9.28 -18.64
CA ASN A 316 -14.39 9.22 -17.99
C ASN A 316 -14.36 8.28 -16.78
N HIS A 317 -13.49 7.26 -16.80
CA HIS A 317 -13.37 6.22 -15.75
C HIS A 317 -12.48 6.70 -14.59
N ASP A 318 -11.71 7.77 -14.76
CA ASP A 318 -10.83 8.35 -13.70
C ASP A 318 -11.72 8.79 -12.51
N PHE A 319 -11.26 8.53 -11.29
CA PHE A 319 -11.94 8.93 -10.03
C PHE A 319 -12.11 10.46 -10.02
N SER B 1 -20.31 -43.01 7.27
CA SER B 1 -20.23 -42.96 5.79
C SER B 1 -21.05 -41.79 5.22
N ASN B 2 -21.96 -41.20 6.00
CA ASN B 2 -22.98 -40.25 5.49
C ASN B 2 -22.36 -38.86 5.20
N ILE B 3 -21.19 -38.53 5.75
CA ILE B 3 -20.69 -37.13 5.80
C ILE B 3 -19.38 -36.93 5.02
N LEU B 4 -18.99 -37.88 4.16
CA LEU B 4 -17.71 -37.77 3.40
C LEU B 4 -17.86 -36.72 2.29
N GLU B 5 -16.85 -35.85 2.12
CA GLU B 5 -16.75 -34.88 1.00
C GLU B 5 -16.27 -35.60 -0.26
N MET B 6 -16.95 -35.38 -1.39
CA MET B 6 -16.55 -35.88 -2.74
C MET B 6 -15.37 -35.05 -3.26
N THR B 7 -15.39 -33.74 -3.02
CA THR B 7 -14.22 -32.83 -3.20
C THR B 7 -14.27 -31.76 -2.11
N LYS B 8 -13.12 -31.47 -1.49
CA LYS B 8 -12.98 -30.41 -0.47
C LYS B 8 -12.98 -29.05 -1.18
N ASN B 9 -13.70 -28.08 -0.64
CA ASN B 9 -13.76 -26.70 -1.19
C ASN B 9 -12.32 -26.17 -1.32
N TYR B 10 -12.04 -25.41 -2.37
CA TYR B 10 -10.68 -24.92 -2.72
C TYR B 10 -10.12 -24.08 -1.56
N TYR B 11 -10.98 -23.30 -0.88
CA TYR B 11 -10.53 -22.26 0.07
C TYR B 11 -9.80 -22.92 1.25
N ASP B 12 -10.32 -24.05 1.73
CA ASP B 12 -9.83 -24.71 2.97
C ASP B 12 -8.62 -25.60 2.68
N ARG B 13 -8.22 -25.77 1.42
CA ARG B 13 -7.03 -26.59 1.05
C ARG B 13 -6.04 -25.74 0.24
N SER B 14 -6.11 -24.42 0.41
CA SER B 14 -5.16 -23.44 -0.19
C SER B 14 -4.93 -22.32 0.81
N VAL B 15 -3.92 -21.49 0.54
CA VAL B 15 -3.54 -20.35 1.42
C VAL B 15 -3.43 -19.09 0.55
N SER B 16 -3.59 -17.91 1.14
CA SER B 16 -3.30 -16.64 0.44
C SER B 16 -1.79 -16.59 0.16
N PRO B 17 -1.35 -15.92 -0.91
CA PRO B 17 0.08 -15.78 -1.18
C PRO B 17 0.92 -15.33 0.03
N VAL B 18 0.43 -14.38 0.82
CA VAL B 18 1.24 -13.81 1.93
C VAL B 18 1.46 -14.91 3.00
N GLU B 19 0.49 -15.80 3.19
N GLU B 19 0.49 -15.81 3.18
CA GLU B 19 0.60 -16.99 4.07
CA GLU B 19 0.64 -16.97 4.10
C GLU B 19 1.67 -17.93 3.51
C GLU B 19 1.67 -17.95 3.52
N TYR B 20 1.62 -18.21 2.21
CA TYR B 20 2.61 -19.06 1.50
C TYR B 20 4.01 -18.45 1.68
N ALA B 21 4.13 -17.14 1.48
CA ALA B 21 5.43 -16.42 1.45
C ALA B 21 6.12 -16.48 2.83
N TYR B 22 5.37 -16.28 3.92
CA TYR B 22 5.97 -16.02 5.25
C TYR B 22 5.77 -17.19 6.23
N PHE B 23 4.78 -18.08 6.03
CA PHE B 23 4.36 -19.03 7.10
C PHE B 23 4.37 -20.49 6.62
N ASP B 24 3.86 -20.82 5.43
CA ASP B 24 3.62 -22.24 5.03
C ASP B 24 3.70 -22.39 3.50
N GLN B 25 4.77 -23.02 3.00
CA GLN B 25 5.02 -23.26 1.56
C GLN B 25 4.53 -24.67 1.16
N SER B 26 3.72 -25.34 1.99
CA SER B 26 3.29 -26.75 1.81
C SER B 26 1.98 -26.85 1.02
N GLN B 27 1.20 -25.76 0.95
CA GLN B 27 -0.09 -25.73 0.20
C GLN B 27 0.05 -24.77 -1.00
N ASN B 28 -0.83 -24.93 -2.00
CA ASN B 28 -0.92 -24.05 -3.19
C ASN B 28 -1.68 -22.78 -2.81
N MET B 29 -1.53 -21.74 -3.63
CA MET B 29 -2.06 -20.39 -3.34
C MET B 29 -3.41 -20.19 -4.03
N ARG B 30 -4.32 -19.51 -3.35
CA ARG B 30 -5.62 -19.08 -3.92
C ARG B 30 -5.57 -17.58 -4.25
N ALA B 31 -6.17 -17.20 -5.37
CA ALA B 31 -6.47 -15.80 -5.75
C ALA B 31 -7.46 -15.22 -4.75
N ILE B 32 -7.38 -13.93 -4.46
CA ILE B 32 -8.41 -13.26 -3.61
C ILE B 32 -9.77 -13.50 -4.27
N ASN B 33 -10.79 -13.77 -3.45
CA ASN B 33 -12.19 -13.96 -3.89
C ASN B 33 -13.03 -12.80 -3.36
N TRP B 34 -13.32 -11.83 -4.21
CA TRP B 34 -14.18 -10.67 -3.90
C TRP B 34 -15.65 -11.01 -4.14
N ASN B 35 -15.95 -12.23 -4.62
CA ASN B 35 -17.33 -12.64 -4.98
C ASN B 35 -17.96 -13.39 -3.81
N LYS B 36 -17.14 -14.09 -3.01
CA LYS B 36 -17.56 -14.78 -1.76
C LYS B 36 -16.72 -14.21 -0.61
N ILE B 37 -17.28 -13.21 0.09
CA ILE B 37 -16.55 -12.40 1.11
C ILE B 37 -16.83 -12.99 2.49
N VAL B 38 -15.77 -13.29 3.25
CA VAL B 38 -15.84 -13.96 4.59
C VAL B 38 -16.47 -12.98 5.59
N ASP B 39 -16.05 -11.70 5.57
CA ASP B 39 -16.52 -10.67 6.53
C ASP B 39 -17.02 -9.44 5.75
N GLU B 40 -18.34 -9.20 5.77
CA GLU B 40 -18.99 -8.07 5.08
C GLU B 40 -18.42 -6.73 5.58
N LYS B 41 -17.93 -6.67 6.82
CA LYS B 41 -17.31 -5.44 7.40
C LYS B 41 -16.12 -5.02 6.53
N ASP B 42 -15.37 -5.99 5.99
CA ASP B 42 -14.20 -5.70 5.10
C ASP B 42 -14.69 -4.95 3.85
N LEU B 43 -15.77 -5.41 3.22
CA LEU B 43 -16.31 -4.76 2.00
C LEU B 43 -16.75 -3.33 2.34
N GLU B 44 -17.42 -3.15 3.49
N GLU B 44 -17.45 -3.15 3.48
CA GLU B 44 -17.93 -1.82 3.95
CA GLU B 44 -17.92 -1.82 3.94
C GLU B 44 -16.74 -0.87 4.17
C GLU B 44 -16.71 -0.90 4.12
N VAL B 45 -15.67 -1.35 4.82
CA VAL B 45 -14.45 -0.53 5.09
C VAL B 45 -13.74 -0.24 3.77
N TRP B 46 -13.54 -1.25 2.92
CA TRP B 46 -12.94 -1.07 1.58
C TRP B 46 -13.66 0.04 0.82
N ASN B 47 -14.99 -0.05 0.73
CA ASN B 47 -15.79 0.91 -0.06
C ASN B 47 -15.65 2.30 0.55
N ARG B 48 -15.66 2.42 1.87
CA ARG B 48 -15.59 3.75 2.53
C ARG B 48 -14.21 4.38 2.27
N VAL B 49 -13.12 3.66 2.50
CA VAL B 49 -11.76 4.26 2.45
C VAL B 49 -11.40 4.60 1.00
N THR B 50 -11.81 3.78 0.02
CA THR B 50 -11.54 4.03 -1.41
C THR B 50 -12.39 5.22 -1.90
N GLN B 51 -13.65 5.30 -1.48
CA GLN B 51 -14.55 6.42 -1.86
C GLN B 51 -14.07 7.72 -1.20
N ASN B 52 -13.33 7.63 -0.10
CA ASN B 52 -12.79 8.80 0.65
C ASN B 52 -11.42 9.22 0.11
N PHE B 53 -10.94 8.64 -1.00
CA PHE B 53 -9.69 9.03 -1.67
C PHE B 53 -9.68 10.56 -1.85
N TRP B 54 -8.56 11.19 -1.50
CA TRP B 54 -8.34 12.65 -1.62
C TRP B 54 -6.85 12.91 -1.81
N LEU B 55 -6.52 14.06 -2.36
CA LEU B 55 -5.12 14.55 -2.50
C LEU B 55 -5.08 15.99 -2.00
N PRO B 56 -3.97 16.42 -1.37
CA PRO B 56 -3.90 17.75 -0.78
C PRO B 56 -3.88 18.91 -1.79
N GLU B 57 -3.56 18.62 -3.06
CA GLU B 57 -3.57 19.60 -4.18
C GLU B 57 -4.94 20.25 -4.33
N ASN B 58 -6.02 19.56 -3.92
CA ASN B 58 -7.43 19.98 -4.17
C ASN B 58 -7.95 20.85 -3.02
N ILE B 59 -7.08 21.28 -2.10
CA ILE B 59 -7.41 22.26 -1.01
C ILE B 59 -6.68 23.58 -1.27
N PRO B 60 -7.40 24.73 -1.30
CA PRO B 60 -6.76 26.04 -1.50
C PRO B 60 -6.07 26.57 -0.22
N VAL B 61 -4.94 25.97 0.14
CA VAL B 61 -4.15 26.33 1.37
C VAL B 61 -3.67 27.79 1.25
N SER B 62 -3.46 28.30 0.05
CA SER B 62 -3.02 29.70 -0.21
C SER B 62 -3.95 30.70 0.47
N ASN B 63 -5.24 30.37 0.62
CA ASN B 63 -6.26 31.24 1.26
C ASN B 63 -5.99 31.37 2.77
N ASP B 64 -5.07 30.57 3.33
CA ASP B 64 -4.67 30.66 4.75
C ASP B 64 -3.56 31.70 4.96
N LEU B 65 -2.95 32.25 3.90
CA LEU B 65 -1.77 33.14 4.04
C LEU B 65 -2.10 34.32 4.96
N PRO B 66 -3.24 35.04 4.80
CA PRO B 66 -3.58 36.12 5.72
C PRO B 66 -3.63 35.69 7.20
N SER B 67 -4.27 34.55 7.49
CA SER B 67 -4.41 33.96 8.84
C SER B 67 -3.04 33.56 9.39
N TRP B 68 -2.22 32.90 8.57
CA TRP B 68 -0.84 32.48 8.90
C TRP B 68 0.00 33.70 9.29
N ASN B 69 -0.17 34.81 8.56
CA ASN B 69 0.59 36.07 8.78
C ASN B 69 0.13 36.78 10.07
N GLU B 70 -1.01 36.39 10.65
CA GLU B 70 -1.50 36.90 11.96
C GLU B 70 -0.80 36.16 13.11
N LEU B 71 -0.04 35.10 12.81
CA LEU B 71 0.71 34.30 13.82
C LEU B 71 2.16 34.78 13.88
N ASP B 72 2.70 34.95 15.08
CA ASP B 72 4.11 35.38 15.27
C ASP B 72 5.04 34.22 14.93
N ASP B 73 6.33 34.49 14.82
CA ASP B 73 7.36 33.51 14.39
C ASP B 73 7.34 32.28 15.31
N ASP B 74 7.15 32.49 16.62
CA ASP B 74 7.13 31.40 17.62
C ASP B 74 5.96 30.45 17.34
N TRP B 75 4.78 30.98 17.00
CA TRP B 75 3.58 30.16 16.68
C TRP B 75 3.83 29.40 15.37
N GLN B 76 4.35 30.08 14.35
CA GLN B 76 4.63 29.44 13.03
C GLN B 76 5.62 28.29 13.24
N GLN B 77 6.64 28.50 14.07
CA GLN B 77 7.66 27.46 14.38
C GLN B 77 6.98 26.28 15.09
N LEU B 78 6.13 26.55 16.08
CA LEU B 78 5.42 25.48 16.84
C LEU B 78 4.61 24.64 15.86
N ILE B 79 3.87 25.28 14.95
CA ILE B 79 3.00 24.56 13.99
C ILE B 79 3.89 23.70 13.07
N THR B 80 4.96 24.27 12.54
CA THR B 80 5.87 23.56 11.60
C THR B 80 6.49 22.36 12.32
N ARG B 81 6.93 22.55 13.56
CA ARG B 81 7.53 21.46 14.38
C ARG B 81 6.48 20.36 14.65
N THR B 82 5.29 20.74 15.15
CA THR B 82 4.23 19.77 15.50
C THR B 82 3.90 18.94 14.26
N PHE B 83 3.69 19.59 13.12
CA PHE B 83 3.26 18.94 11.85
C PHE B 83 4.40 18.06 11.32
N THR B 84 5.66 18.47 11.46
CA THR B 84 6.82 17.64 11.04
C THR B 84 6.89 16.41 11.96
N GLY B 85 6.59 16.56 13.24
CA GLY B 85 6.47 15.43 14.19
C GLY B 85 5.40 14.45 13.74
N LEU B 86 4.23 14.94 13.35
CA LEU B 86 3.13 14.08 12.84
C LEU B 86 3.55 13.44 11.51
N THR B 87 4.29 14.17 10.66
CA THR B 87 4.88 13.62 9.40
C THR B 87 5.74 12.40 9.73
N LEU B 88 6.55 12.47 10.80
CA LEU B 88 7.41 11.31 11.17
C LEU B 88 6.52 10.10 11.50
N LEU B 89 5.48 10.30 12.32
CA LEU B 89 4.59 9.19 12.72
C LEU B 89 3.96 8.58 11.47
N ASP B 90 3.50 9.42 10.54
CA ASP B 90 2.85 8.95 9.29
C ASP B 90 3.87 8.21 8.42
N THR B 91 5.12 8.65 8.40
CA THR B 91 6.21 7.96 7.65
C THR B 91 6.41 6.56 8.25
N VAL B 92 6.39 6.45 9.57
CA VAL B 92 6.56 5.14 10.27
C VAL B 92 5.38 4.24 9.90
N GLN B 93 4.15 4.78 9.98
N GLN B 93 4.15 4.76 9.95
CA GLN B 93 2.90 4.04 9.71
CA GLN B 93 2.93 3.93 9.72
C GLN B 93 2.89 3.57 8.25
C GLN B 93 2.82 3.58 8.23
N SER B 94 3.21 4.48 7.33
CA SER B 94 3.16 4.23 5.86
C SER B 94 4.17 3.16 5.45
N SER B 95 5.41 3.27 5.93
CA SER B 95 6.58 2.50 5.43
C SER B 95 6.77 1.19 6.22
N ILE B 96 6.25 1.08 7.45
CA ILE B 96 6.51 -0.09 8.35
C ILE B 96 5.19 -0.60 8.94
N GLY B 97 4.47 0.25 9.68
CA GLY B 97 3.38 -0.17 10.57
C GLY B 97 2.25 -0.85 9.84
N ASP B 98 1.64 -0.17 8.87
CA ASP B 98 0.43 -0.69 8.18
C ASP B 98 0.80 -1.87 7.30
N VAL B 99 1.92 -1.81 6.57
CA VAL B 99 2.29 -2.92 5.64
C VAL B 99 2.65 -4.17 6.44
N ALA B 100 3.17 -4.02 7.67
CA ALA B 100 3.50 -5.16 8.55
C ALA B 100 2.22 -5.93 8.93
N GLN B 101 1.06 -5.29 8.89
CA GLN B 101 -0.24 -5.92 9.26
C GLN B 101 -0.71 -6.86 8.14
N ILE B 102 -0.24 -6.65 6.90
CA ILE B 102 -0.81 -7.39 5.73
C ILE B 102 -0.68 -8.90 5.96
N LYS B 103 0.50 -9.38 6.35
CA LYS B 103 0.77 -10.84 6.45
C LYS B 103 -0.01 -11.47 7.60
N ASN B 104 -0.51 -10.68 8.56
CA ASN B 104 -1.21 -11.19 9.78
C ASN B 104 -2.72 -11.05 9.63
N SER B 105 -3.21 -10.76 8.42
CA SER B 105 -4.64 -10.55 8.12
C SER B 105 -5.45 -11.82 8.44
N LEU B 106 -6.65 -11.64 8.96
CA LEU B 106 -7.65 -12.72 9.21
C LEU B 106 -8.35 -13.08 7.90
N THR B 107 -8.52 -12.12 7.00
CA THR B 107 -9.27 -12.29 5.73
C THR B 107 -8.43 -11.80 4.56
N GLU B 108 -8.79 -12.23 3.35
CA GLU B 108 -8.12 -11.81 2.11
C GLU B 108 -8.28 -10.29 1.92
N GLN B 109 -9.48 -9.75 2.12
CA GLN B 109 -9.78 -8.32 1.82
C GLN B 109 -8.98 -7.42 2.78
N GLU B 110 -8.76 -7.87 4.01
CA GLU B 110 -7.98 -7.12 5.04
C GLU B 110 -6.57 -6.85 4.52
N GLN B 111 -5.98 -7.78 3.76
CA GLN B 111 -4.62 -7.60 3.18
C GLN B 111 -4.61 -6.36 2.27
N VAL B 112 -5.69 -6.18 1.50
CA VAL B 112 -5.78 -5.08 0.49
C VAL B 112 -6.12 -3.78 1.22
N ILE B 113 -6.96 -3.86 2.26
CA ILE B 113 -7.34 -2.68 3.07
C ILE B 113 -6.10 -2.10 3.75
N TYR B 114 -5.20 -2.92 4.31
CA TYR B 114 -3.97 -2.41 4.97
C TYR B 114 -3.03 -1.81 3.93
N ALA B 115 -3.02 -2.31 2.69
CA ALA B 115 -2.27 -1.66 1.58
C ALA B 115 -2.86 -0.26 1.35
N ASN B 116 -4.18 -0.12 1.31
CA ASN B 116 -4.83 1.21 1.18
C ASN B 116 -4.39 2.10 2.35
N PHE B 117 -4.40 1.59 3.57
CA PHE B 117 -4.05 2.38 4.78
C PHE B 117 -2.62 2.91 4.62
N ALA B 118 -1.67 2.05 4.23
CA ALA B 118 -0.25 2.41 4.08
C ALA B 118 -0.13 3.56 3.06
N PHE B 119 -0.83 3.45 1.93
CA PHE B 119 -0.82 4.49 0.88
C PHE B 119 -1.43 5.78 1.43
N MET B 120 -2.61 5.71 2.06
CA MET B 120 -3.33 6.94 2.47
C MET B 120 -2.60 7.67 3.60
N VAL B 121 -1.97 6.94 4.52
N VAL B 121 -1.95 6.96 4.53
CA VAL B 121 -1.10 7.52 5.58
CA VAL B 121 -1.14 7.64 5.58
C VAL B 121 0.08 8.24 4.92
C VAL B 121 0.11 8.25 4.93
N GLY B 122 0.57 7.69 3.80
CA GLY B 122 1.57 8.35 2.95
C GLY B 122 1.05 9.67 2.40
N VAL B 123 -0.22 9.70 1.99
CA VAL B 123 -0.89 10.94 1.51
C VAL B 123 -0.98 11.93 2.67
N HIS B 124 -1.26 11.46 3.89
CA HIS B 124 -1.31 12.33 5.09
C HIS B 124 0.03 13.05 5.25
N ALA B 125 1.14 12.30 5.28
CA ALA B 125 2.50 12.84 5.39
C ALA B 125 2.74 13.86 4.26
N ARG B 126 2.34 13.51 3.04
CA ARG B 126 2.52 14.37 1.84
C ARG B 126 1.74 15.67 2.03
N SER B 127 0.58 15.63 2.68
CA SER B 127 -0.32 16.81 2.83
C SER B 127 0.34 17.86 3.73
N TYR B 128 1.12 17.46 4.73
CA TYR B 128 1.89 18.43 5.56
C TYR B 128 2.91 19.15 4.66
N GLY B 129 3.57 18.40 3.77
CA GLY B 129 4.47 18.97 2.75
C GLY B 129 3.77 20.04 1.94
N THR B 130 2.54 19.79 1.49
CA THR B 130 1.71 20.74 0.72
C THR B 130 1.49 22.01 1.54
N ILE B 131 1.12 21.87 2.81
CA ILE B 131 0.87 23.02 3.72
C ILE B 131 2.18 23.82 3.85
N PHE B 132 3.29 23.16 4.11
CA PHE B 132 4.61 23.82 4.30
C PHE B 132 5.01 24.56 3.02
N SER B 133 4.80 23.95 1.85
CA SER B 133 5.17 24.54 0.54
C SER B 133 4.46 25.88 0.36
N THR B 134 3.22 25.98 0.83
CA THR B 134 2.35 27.18 0.68
C THR B 134 2.69 28.25 1.72
N LEU B 135 2.87 27.86 2.99
CA LEU B 135 2.88 28.80 4.15
C LEU B 135 4.29 29.07 4.65
N CYS B 136 5.17 28.07 4.68
CA CYS B 136 6.46 28.13 5.41
C CYS B 136 7.61 28.58 4.51
N THR B 137 8.61 29.21 5.10
CA THR B 137 9.91 29.51 4.45
C THR B 137 10.73 28.21 4.43
N SER B 138 11.71 28.11 3.52
N SER B 138 11.70 28.12 3.51
CA SER B 138 12.66 26.98 3.44
CA SER B 138 12.67 27.00 3.44
C SER B 138 13.39 26.83 4.78
C SER B 138 13.37 26.83 4.79
N GLU B 139 13.69 27.95 5.44
CA GLU B 139 14.37 27.99 6.77
C GLU B 139 13.49 27.33 7.83
N GLN B 140 12.18 27.64 7.85
CA GLN B 140 11.23 27.08 8.84
C GLN B 140 11.13 25.56 8.64
N ILE B 141 11.06 25.11 7.38
CA ILE B 141 10.91 23.67 7.02
C ILE B 141 12.16 22.92 7.49
N GLU B 142 13.34 23.42 7.15
CA GLU B 142 14.63 22.76 7.49
C GLU B 142 14.78 22.73 9.02
N GLU B 143 14.48 23.84 9.71
CA GLU B 143 14.59 23.94 11.19
C GLU B 143 13.75 22.83 11.83
N ALA B 144 12.52 22.63 11.34
CA ALA B 144 11.56 21.65 11.90
C ALA B 144 12.11 20.23 11.72
N HIS B 145 12.71 19.93 10.58
CA HIS B 145 13.34 18.61 10.31
C HIS B 145 14.51 18.38 11.26
N GLU B 146 15.37 19.39 11.44
CA GLU B 146 16.50 19.36 12.42
C GLU B 146 15.93 19.07 13.81
N TRP B 147 14.90 19.82 14.21
CA TRP B 147 14.25 19.71 15.54
C TRP B 147 13.76 18.27 15.75
N VAL B 148 13.09 17.68 14.75
CA VAL B 148 12.54 16.31 14.88
C VAL B 148 13.68 15.31 15.11
N VAL B 149 14.75 15.39 14.32
CA VAL B 149 15.88 14.42 14.38
C VAL B 149 16.56 14.51 15.76
N ASP B 150 16.68 15.71 16.33
CA ASP B 150 17.47 15.97 17.56
C ASP B 150 16.59 15.89 18.81
N ASN B 151 15.27 15.67 18.68
CA ASN B 151 14.33 15.64 19.82
C ASN B 151 14.22 14.19 20.34
N GLU B 152 14.94 13.85 21.39
CA GLU B 152 14.99 12.46 21.93
C GLU B 152 13.60 12.05 22.44
N ALA B 153 12.86 12.98 23.07
CA ALA B 153 11.51 12.71 23.60
C ALA B 153 10.58 12.35 22.44
N LEU B 154 10.66 13.10 21.34
CA LEU B 154 9.86 12.81 20.11
C LEU B 154 10.25 11.40 19.62
N GLN B 155 11.55 11.15 19.43
CA GLN B 155 12.09 9.91 18.80
C GLN B 155 11.68 8.69 19.63
N ALA B 156 11.58 8.83 20.96
CA ALA B 156 11.33 7.71 21.89
C ALA B 156 10.01 7.00 21.53
N ARG B 157 9.04 7.74 21.01
CA ARG B 157 7.66 7.23 20.77
C ARG B 157 7.69 6.21 19.63
N PRO B 158 8.09 6.56 18.38
CA PRO B 158 8.20 5.55 17.32
C PRO B 158 9.23 4.45 17.64
N LYS B 159 10.32 4.78 18.35
CA LYS B 159 11.36 3.78 18.71
C LYS B 159 10.76 2.70 19.62
N ALA B 160 9.76 3.04 20.44
CA ALA B 160 9.08 2.07 21.34
C ALA B 160 8.15 1.14 20.56
N LEU B 161 7.58 1.59 19.43
CA LEU B 161 6.53 0.84 18.70
C LEU B 161 7.14 -0.02 17.58
N ILE B 162 8.20 0.46 16.92
CA ILE B 162 8.77 -0.18 15.69
C ILE B 162 9.17 -1.63 15.98
N PRO B 163 9.82 -1.97 17.12
CA PRO B 163 10.21 -3.35 17.38
C PRO B 163 9.04 -4.37 17.30
N PHE B 164 7.83 -3.95 17.64
CA PHE B 164 6.62 -4.82 17.60
C PHE B 164 6.27 -5.11 16.12
N TYR B 165 6.50 -4.16 15.22
CA TYR B 165 6.18 -4.32 13.78
C TYR B 165 7.11 -5.37 13.16
N THR B 166 8.37 -5.43 13.60
CA THR B 166 9.44 -6.25 12.99
C THR B 166 9.55 -7.61 13.71
N ALA B 167 8.86 -7.77 14.85
CA ALA B 167 8.84 -9.02 15.66
C ALA B 167 7.72 -9.93 15.16
N ASP B 168 7.57 -11.12 15.77
CA ASP B 168 6.77 -12.25 15.22
C ASP B 168 5.47 -12.45 16.02
N ASP B 169 5.10 -11.53 16.92
CA ASP B 169 3.82 -11.58 17.67
C ASP B 169 2.80 -10.69 16.96
N PRO B 170 1.86 -11.26 16.18
CA PRO B 170 0.95 -10.46 15.35
C PRO B 170 0.00 -9.56 16.15
N LEU B 171 -0.43 -9.98 17.34
CA LEU B 171 -1.39 -9.20 18.16
C LEU B 171 -0.68 -7.99 18.77
N LYS B 172 0.59 -8.16 19.18
CA LYS B 172 1.40 -7.03 19.73
C LYS B 172 1.69 -6.04 18.60
N SER B 173 1.96 -6.53 17.39
CA SER B 173 2.14 -5.69 16.17
C SER B 173 0.85 -4.89 15.90
N LYS B 174 -0.31 -5.55 16.00
CA LYS B 174 -1.63 -4.93 15.73
C LYS B 174 -1.86 -3.77 16.70
N ILE B 175 -1.59 -4.00 17.99
N ILE B 175 -1.59 -4.00 17.99
CA ILE B 175 -1.77 -2.98 19.07
CA ILE B 175 -1.76 -2.99 19.08
C ILE B 175 -0.81 -1.81 18.82
C ILE B 175 -0.82 -1.81 18.78
N ALA B 176 0.44 -2.09 18.47
CA ALA B 176 1.48 -1.08 18.18
C ALA B 176 1.07 -0.25 16.96
N ALA B 177 0.40 -0.88 15.99
CA ALA B 177 -0.13 -0.24 14.75
C ALA B 177 -1.26 0.72 15.13
N ALA B 178 -2.21 0.27 15.95
CA ALA B 178 -3.41 1.04 16.37
C ALA B 178 -3.01 2.26 17.20
N LEU B 179 -1.93 2.16 17.98
CA LEU B 179 -1.49 3.25 18.90
C LEU B 179 -1.07 4.50 18.10
N MET B 180 -0.68 4.35 16.84
CA MET B 180 -0.23 5.48 15.99
C MET B 180 -1.41 6.40 15.67
N PRO B 181 -2.42 5.97 14.88
CA PRO B 181 -3.58 6.83 14.60
C PRO B 181 -4.56 6.93 15.78
N GLY B 182 -4.52 6.00 16.72
CA GLY B 182 -5.48 5.89 17.83
C GLY B 182 -5.06 6.65 19.08
N PHE B 183 -3.77 6.93 19.26
CA PHE B 183 -3.26 7.59 20.50
C PHE B 183 -2.27 8.71 20.17
N LEU B 184 -1.17 8.42 19.48
CA LEU B 184 -0.07 9.41 19.29
C LEU B 184 -0.56 10.59 18.43
N LEU B 185 -1.56 10.39 17.58
CA LEU B 185 -2.14 11.45 16.70
C LEU B 185 -2.57 12.66 17.54
N TYR B 186 -3.22 12.44 18.68
CA TYR B 186 -4.10 13.44 19.33
C TYR B 186 -3.27 14.53 20.04
N GLY B 187 -2.12 14.20 20.60
CA GLY B 187 -1.20 15.19 21.19
C GLY B 187 -0.86 16.29 20.19
N GLY B 188 -0.68 15.91 18.92
CA GLY B 188 -0.37 16.83 17.81
C GLY B 188 -1.61 17.53 17.27
N PHE B 189 -2.71 16.79 17.09
CA PHE B 189 -3.96 17.33 16.50
C PHE B 189 -4.62 18.31 17.49
N TYR B 190 -4.25 18.28 18.77
CA TYR B 190 -4.73 19.30 19.73
C TYR B 190 -4.45 20.69 19.16
N LEU B 191 -3.26 20.89 18.57
CA LEU B 191 -2.82 22.24 18.14
C LEU B 191 -3.74 22.79 17.04
N PRO B 192 -3.94 22.13 15.88
CA PRO B 192 -4.84 22.67 14.87
C PRO B 192 -6.29 22.82 15.38
N PHE B 193 -6.75 21.92 16.26
CA PHE B 193 -8.09 22.00 16.89
C PHE B 193 -8.16 23.29 17.72
N TYR B 194 -7.13 23.55 18.52
CA TYR B 194 -7.01 24.77 19.34
C TYR B 194 -7.04 26.02 18.44
N LEU B 195 -6.24 26.02 17.38
CA LEU B 195 -6.09 27.19 16.48
C LEU B 195 -7.42 27.44 15.73
N SER B 196 -8.03 26.37 15.20
CA SER B 196 -9.32 26.42 14.46
C SER B 196 -10.40 27.06 15.34
N ALA B 197 -10.45 26.67 16.62
CA ALA B 197 -11.45 27.17 17.60
C ALA B 197 -11.26 28.67 17.83
N ARG B 198 -10.04 29.20 17.66
CA ARG B 198 -9.72 30.63 17.83
C ARG B 198 -9.82 31.37 16.49
N GLY B 199 -10.21 30.68 15.42
CA GLY B 199 -10.53 31.27 14.10
C GLY B 199 -9.36 31.25 13.12
N LYS B 200 -8.31 30.47 13.38
CA LYS B 200 -7.06 30.48 12.58
C LYS B 200 -7.04 29.32 11.57
N LEU B 201 -6.44 29.55 10.39
CA LEU B 201 -6.02 28.52 9.40
C LEU B 201 -7.19 27.60 9.03
N PRO B 202 -8.30 28.15 8.48
CA PRO B 202 -9.45 27.32 8.10
C PRO B 202 -9.20 26.30 6.97
N ASN B 203 -8.31 26.62 6.02
CA ASN B 203 -8.03 25.73 4.86
C ASN B 203 -7.10 24.60 5.30
N THR B 204 -6.10 24.90 6.11
CA THR B 204 -5.23 23.87 6.76
C THR B 204 -6.13 22.93 7.57
N SER B 205 -7.10 23.48 8.29
CA SER B 205 -8.07 22.71 9.12
C SER B 205 -8.85 21.71 8.26
N ASP B 206 -9.16 22.05 7.00
CA ASP B 206 -9.85 21.14 6.06
C ASP B 206 -8.97 19.91 5.78
N ILE B 207 -7.65 20.09 5.64
CA ILE B 207 -6.70 18.97 5.43
C ILE B 207 -6.67 18.13 6.72
N ILE B 208 -6.55 18.76 7.88
CA ILE B 208 -6.56 18.05 9.19
C ILE B 208 -7.82 17.19 9.30
N ARG B 209 -8.98 17.73 8.89
CA ARG B 209 -10.28 16.99 8.98
C ARG B 209 -10.28 15.82 7.99
N LEU B 210 -9.68 15.97 6.81
CA LEU B 210 -9.59 14.85 5.81
C LEU B 210 -8.67 13.75 6.38
N ILE B 211 -7.57 14.13 7.02
CA ILE B 211 -6.65 13.16 7.67
C ILE B 211 -7.41 12.43 8.77
N LEU B 212 -8.12 13.17 9.63
CA LEU B 212 -8.89 12.60 10.76
C LEU B 212 -9.92 11.61 10.23
N ARG B 213 -10.61 11.95 9.14
CA ARG B 213 -11.67 11.09 8.53
C ARG B 213 -11.08 9.70 8.20
N ASP B 214 -9.83 9.67 7.75
CA ASP B 214 -9.12 8.40 7.43
C ASP B 214 -8.68 7.71 8.73
N LYS B 215 -8.02 8.44 9.63
CA LYS B 215 -7.37 7.86 10.83
C LYS B 215 -8.41 7.23 11.76
N VAL B 216 -9.59 7.85 11.89
N VAL B 216 -9.61 7.80 11.87
CA VAL B 216 -10.73 7.32 12.70
CA VAL B 216 -10.69 7.27 12.75
C VAL B 216 -11.05 5.90 12.21
C VAL B 216 -11.16 5.91 12.21
N ILE B 217 -11.14 5.71 10.89
CA ILE B 217 -11.47 4.38 10.27
C ILE B 217 -10.29 3.42 10.50
N HIS B 218 -9.04 3.88 10.35
CA HIS B 218 -7.82 3.07 10.61
C HIS B 218 -7.88 2.51 12.03
N ASN B 219 -8.21 3.36 13.01
N ASN B 219 -8.15 3.40 12.99
CA ASN B 219 -8.23 2.98 14.44
CA ASN B 219 -8.30 3.09 14.44
C ASN B 219 -9.39 2.01 14.69
C ASN B 219 -9.36 2.01 14.63
N PHE B 220 -10.58 2.31 14.19
CA PHE B 220 -11.77 1.41 14.31
C PHE B 220 -11.41 0.03 13.79
N TYR B 221 -10.82 -0.02 12.59
CA TYR B 221 -10.56 -1.29 11.85
C TYR B 221 -9.53 -2.14 12.59
N SER B 222 -8.41 -1.54 13.03
CA SER B 222 -7.37 -2.28 13.78
C SER B 222 -7.97 -2.79 15.10
N GLY B 223 -8.81 -1.98 15.76
CA GLY B 223 -9.52 -2.37 16.99
C GLY B 223 -10.45 -3.53 16.76
N TYR B 224 -11.22 -3.48 15.67
CA TYR B 224 -12.19 -4.51 15.24
C TYR B 224 -11.46 -5.84 15.03
N LYS B 225 -10.37 -5.83 14.26
CA LYS B 225 -9.56 -7.04 13.95
C LYS B 225 -8.88 -7.54 15.22
N TYR B 226 -8.40 -6.63 16.07
CA TYR B 226 -7.77 -7.01 17.36
C TYR B 226 -8.77 -7.83 18.20
N GLN B 227 -10.00 -7.34 18.32
CA GLN B 227 -11.05 -7.97 19.17
C GLN B 227 -11.41 -9.35 18.60
N LEU B 228 -11.51 -9.48 17.28
CA LEU B 228 -11.81 -10.79 16.63
C LEU B 228 -10.71 -11.79 16.96
N LYS B 229 -9.44 -11.37 16.88
CA LYS B 229 -8.27 -12.27 17.00
C LYS B 229 -8.01 -12.62 18.46
N VAL B 230 -8.15 -11.66 19.39
CA VAL B 230 -7.91 -11.90 20.85
C VAL B 230 -9.01 -12.83 21.37
N ALA B 231 -10.20 -12.84 20.74
CA ALA B 231 -11.34 -13.72 21.10
C ALA B 231 -10.98 -15.20 20.84
N LYS B 232 -9.96 -15.47 20.02
CA LYS B 232 -9.52 -16.84 19.63
C LYS B 232 -8.34 -17.31 20.49
N LEU B 233 -8.04 -16.61 21.59
CA LEU B 233 -7.01 -17.02 22.58
C LEU B 233 -7.71 -17.72 23.75
N SER B 234 -6.96 -18.52 24.52
CA SER B 234 -7.40 -19.09 25.82
C SER B 234 -7.68 -17.95 26.80
N PRO B 235 -8.56 -18.14 27.81
CA PRO B 235 -8.79 -17.11 28.82
C PRO B 235 -7.49 -16.57 29.44
N GLU B 236 -6.51 -17.44 29.69
CA GLU B 236 -5.20 -17.09 30.27
C GLU B 236 -4.42 -16.16 29.33
N LYS B 237 -4.39 -16.47 28.04
CA LYS B 237 -3.63 -15.72 27.01
C LYS B 237 -4.36 -14.41 26.69
N GLN B 238 -5.70 -14.39 26.81
CA GLN B 238 -6.52 -13.16 26.69
C GLN B 238 -6.16 -12.19 27.82
N ALA B 239 -5.99 -12.71 29.04
CA ALA B 239 -5.59 -11.94 30.24
C ALA B 239 -4.18 -11.37 30.05
N GLU B 240 -3.26 -12.18 29.52
N GLU B 240 -3.26 -12.17 29.51
CA GLU B 240 -1.86 -11.78 29.22
CA GLU B 240 -1.85 -11.77 29.23
C GLU B 240 -1.86 -10.62 28.21
C GLU B 240 -1.85 -10.64 28.21
N MET B 241 -2.68 -10.73 27.16
CA MET B 241 -2.74 -9.72 26.07
C MET B 241 -3.35 -8.42 26.60
N LYS B 242 -4.39 -8.50 27.45
CA LYS B 242 -4.99 -7.30 28.10
C LYS B 242 -3.91 -6.59 28.93
N GLN B 243 -3.12 -7.34 29.70
CA GLN B 243 -2.02 -6.78 30.54
C GLN B 243 -0.99 -6.10 29.63
N PHE B 244 -0.66 -6.72 28.50
CA PHE B 244 0.30 -6.16 27.51
C PHE B 244 -0.22 -4.80 27.02
N VAL B 245 -1.51 -4.71 26.68
CA VAL B 245 -2.12 -3.47 26.11
C VAL B 245 -2.00 -2.35 27.14
N PHE B 246 -2.40 -2.60 28.39
CA PHE B 246 -2.35 -1.61 29.49
C PHE B 246 -0.89 -1.23 29.78
N ASP B 247 0.02 -2.20 29.81
CA ASP B 247 1.47 -1.99 30.08
C ASP B 247 2.06 -1.09 28.98
N LEU B 248 1.78 -1.38 27.71
CA LEU B 248 2.34 -0.61 26.58
C LEU B 248 1.73 0.80 26.54
N LEU B 249 0.41 0.91 26.74
CA LEU B 249 -0.26 2.24 26.76
C LEU B 249 0.31 3.07 27.91
N ASP B 250 0.55 2.46 29.07
CA ASP B 250 1.15 3.15 30.24
C ASP B 250 2.50 3.72 29.81
N LYS B 251 3.34 2.90 29.16
CA LYS B 251 4.68 3.32 28.68
C LYS B 251 4.52 4.47 27.68
N MET B 252 3.62 4.32 26.70
CA MET B 252 3.44 5.32 25.61
C MET B 252 2.89 6.63 26.18
N ILE B 253 2.02 6.58 27.20
CA ILE B 253 1.51 7.82 27.87
C ILE B 253 2.69 8.54 28.54
N GLY B 254 3.57 7.81 29.22
CA GLY B 254 4.78 8.37 29.84
C GLY B 254 5.61 9.11 28.80
N LEU B 255 5.86 8.48 27.65
CA LEU B 255 6.72 9.05 26.57
C LEU B 255 5.99 10.25 25.96
N GLU B 256 4.68 10.15 25.75
CA GLU B 256 3.86 11.22 25.12
C GLU B 256 3.85 12.45 26.05
N LYS B 257 3.64 12.26 27.35
CA LYS B 257 3.61 13.38 28.33
C LYS B 257 4.95 14.13 28.24
N THR B 258 6.06 13.42 28.27
CA THR B 258 7.43 14.02 28.21
C THR B 258 7.56 14.83 26.91
N TYR B 259 7.17 14.25 25.78
CA TYR B 259 7.24 14.94 24.46
C TYR B 259 6.35 16.19 24.46
N LEU B 260 5.09 16.09 24.89
CA LEU B 260 4.12 17.21 24.79
C LEU B 260 4.56 18.34 25.73
N HIS B 261 5.15 18.04 26.88
CA HIS B 261 5.75 19.06 27.77
C HIS B 261 6.83 19.84 27.01
N GLN B 262 7.71 19.14 26.29
N GLN B 262 7.71 19.12 26.30
CA GLN B 262 8.83 19.76 25.53
CA GLN B 262 8.83 19.74 25.53
C GLN B 262 8.27 20.55 24.34
C GLN B 262 8.24 20.57 24.37
N LEU B 263 7.26 20.01 23.65
CA LEU B 263 6.65 20.66 22.46
C LEU B 263 5.93 21.96 22.86
N TYR B 264 5.18 21.95 23.97
CA TYR B 264 4.14 22.98 24.28
C TYR B 264 4.46 23.85 25.52
N ASP B 265 5.35 23.44 26.44
CA ASP B 265 5.55 24.11 27.75
C ASP B 265 5.71 25.63 27.61
N GLY B 266 6.44 26.10 26.60
CA GLY B 266 6.68 27.54 26.34
C GLY B 266 5.41 28.29 26.00
N PHE B 267 4.34 27.59 25.61
CA PHE B 267 3.02 28.15 25.22
C PHE B 267 1.96 27.87 26.29
N GLY B 268 2.32 27.14 27.35
CA GLY B 268 1.41 26.75 28.44
C GLY B 268 0.26 25.87 27.95
N LEU B 269 0.46 25.10 26.87
CA LEU B 269 -0.59 24.26 26.25
C LEU B 269 -0.41 22.78 26.61
N ALA B 270 0.68 22.41 27.29
CA ALA B 270 1.04 20.99 27.54
C ALA B 270 -0.08 20.31 28.34
N ASP B 271 -0.58 20.94 29.41
CA ASP B 271 -1.58 20.30 30.30
C ASP B 271 -2.88 20.07 29.50
N GLU B 272 -3.31 21.04 28.69
CA GLU B 272 -4.52 20.90 27.84
C GLU B 272 -4.29 19.76 26.83
N ALA B 273 -3.14 19.76 26.16
CA ALA B 273 -2.80 18.74 25.13
C ALA B 273 -2.76 17.35 25.78
N ILE B 274 -2.23 17.23 26.99
CA ILE B 274 -2.10 15.91 27.68
C ILE B 274 -3.49 15.42 28.11
N ARG B 275 -4.35 16.31 28.62
CA ARG B 275 -5.75 15.93 28.98
C ARG B 275 -6.47 15.43 27.71
N PHE B 276 -6.25 16.10 26.59
CA PHE B 276 -6.84 15.73 25.27
C PHE B 276 -6.31 14.34 24.86
N SER B 277 -5.01 14.13 25.01
CA SER B 277 -4.32 12.85 24.73
C SER B 277 -4.92 11.73 25.58
N LEU B 278 -5.11 11.97 26.89
CA LEU B 278 -5.63 10.95 27.83
C LEU B 278 -7.09 10.63 27.50
N TYR B 279 -7.90 11.63 27.15
CA TYR B 279 -9.30 11.39 26.72
C TYR B 279 -9.30 10.39 25.56
N ASN B 280 -8.43 10.62 24.58
CA ASN B 280 -8.36 9.77 23.36
C ASN B 280 -7.72 8.42 23.70
N ALA B 281 -6.84 8.36 24.72
CA ALA B 281 -6.29 7.08 25.25
C ALA B 281 -7.45 6.25 25.82
N GLY B 282 -8.41 6.88 26.49
CA GLY B 282 -9.63 6.22 26.99
C GLY B 282 -10.41 5.62 25.84
N LYS B 283 -10.62 6.39 24.77
CA LYS B 283 -11.36 5.94 23.56
C LYS B 283 -10.60 4.80 22.88
N PHE B 284 -9.26 4.88 22.83
CA PHE B 284 -8.38 3.83 22.29
C PHE B 284 -8.68 2.50 22.99
N LEU B 285 -8.73 2.50 24.32
CA LEU B 285 -8.98 1.27 25.12
C LEU B 285 -10.38 0.72 24.81
N GLN B 286 -11.38 1.60 24.74
CA GLN B 286 -12.80 1.22 24.45
C GLN B 286 -12.86 0.59 23.04
N ASN B 287 -12.03 1.09 22.11
CA ASN B 287 -11.97 0.60 20.71
C ASN B 287 -11.36 -0.80 20.65
N LEU B 288 -10.61 -1.22 21.69
CA LEU B 288 -10.01 -2.59 21.80
C LEU B 288 -10.90 -3.50 22.64
N GLY B 289 -12.01 -2.98 23.19
CA GLY B 289 -12.99 -3.72 24.00
C GLY B 289 -12.66 -3.68 25.48
N TYR B 290 -11.83 -2.73 25.92
CA TYR B 290 -11.43 -2.54 27.34
C TYR B 290 -12.10 -1.29 27.90
N GLU B 291 -11.98 -1.07 29.22
CA GLU B 291 -12.57 0.06 29.96
C GLU B 291 -11.50 1.15 30.18
N SER B 292 -11.89 2.41 30.14
CA SER B 292 -11.00 3.57 30.42
C SER B 292 -10.77 3.67 31.92
N PRO B 293 -9.50 3.71 32.40
CA PRO B 293 -9.21 3.94 33.81
C PRO B 293 -9.04 5.41 34.18
N PHE B 294 -9.21 6.32 33.21
CA PHE B 294 -8.84 7.75 33.36
C PHE B 294 -9.97 8.50 34.08
N THR B 295 -9.58 9.46 34.92
CA THR B 295 -10.51 10.29 35.72
C THR B 295 -11.10 11.38 34.83
N LYS B 296 -12.26 11.91 35.22
CA LYS B 296 -12.93 13.04 34.53
C LYS B 296 -11.98 14.25 34.54
N GLU B 297 -11.28 14.49 35.65
CA GLU B 297 -10.43 15.70 35.84
C GLU B 297 -9.24 15.66 34.88
N GLU B 298 -8.62 14.49 34.69
CA GLU B 298 -7.38 14.38 33.89
C GLU B 298 -7.71 14.25 32.39
N THR B 299 -9.00 14.20 32.01
CA THR B 299 -9.44 14.10 30.59
C THR B 299 -10.29 15.31 30.19
N ARG B 300 -10.33 16.37 31.00
CA ARG B 300 -11.13 17.59 30.73
C ARG B 300 -10.68 18.22 29.40
N ILE B 301 -11.62 18.46 28.49
CA ILE B 301 -11.37 19.15 27.19
C ILE B 301 -12.35 20.32 27.07
N ALA B 302 -11.87 21.46 26.57
CA ALA B 302 -12.69 22.66 26.26
C ALA B 302 -13.78 22.26 25.26
N PRO B 303 -15.04 22.72 25.44
CA PRO B 303 -16.13 22.34 24.56
C PRO B 303 -15.84 22.51 23.06
N GLU B 304 -15.21 23.64 22.69
CA GLU B 304 -14.94 24.02 21.27
C GLU B 304 -13.88 23.09 20.66
N VAL B 305 -13.00 22.51 21.48
CA VAL B 305 -12.00 21.49 21.03
C VAL B 305 -12.71 20.13 20.96
N PHE B 306 -13.45 19.77 22.01
CA PHE B 306 -14.22 18.50 22.14
C PHE B 306 -15.15 18.32 20.93
N ALA B 307 -15.81 19.41 20.51
CA ALA B 307 -16.76 19.46 19.36
C ALA B 307 -16.09 18.93 18.09
N GLN B 308 -14.78 19.18 17.90
CA GLN B 308 -14.06 18.85 16.65
C GLN B 308 -13.72 17.35 16.59
N LEU B 309 -13.83 16.61 17.70
CA LEU B 309 -13.66 15.13 17.70
C LEU B 309 -14.89 14.50 17.03
CA CA C . -2.40 -20.18 -33.10
CA CA D . -2.25 25.37 30.38
#